data_4V36
#
_entry.id   4V36
#
_cell.length_a   46.890
_cell.length_b   66.260
_cell.length_c   71.150
_cell.angle_alpha   112.43
_cell.angle_beta   94.07
_cell.angle_gamma   98.94
#
_symmetry.space_group_name_H-M   'P 1'
#
loop_
_entity.id
_entity.type
_entity.pdbx_description
1 polymer 'LYSYL-TRNA-DEPENDENT L-YSYL-PHOSPHATIDYLGYCEROL SYNTHASE'
2 non-polymer '2,6-DIAMINO-HEXANOIC ACID AMIDE'
3 non-polymer 2-AMINO-2-HYDROXYMETHYL-PROPANE-1,3-DIOL
4 water water
#
_entity_poly.entity_id   1
_entity_poly.type   'polypeptide(L)'
_entity_poly.pdbx_seq_one_letter_code
;GPGNRKTKEIGEEPDPEKLEAFLEEKGGNALSHLGFLGDKRFFYSSDGNALIQFAKVGQRLVVLGDPSGREDSFPLVIKE
FLHAADQKGYLVIFYQIEREDMALYHDFGYRFFKLGEEAIVDLDTFTISGKKRAGLRAIYNRFEREGYTFHVEQPPFSRE
FLNELRQVSDEWLGRKKEKGFSLGFFQEDYLQKAPIAVLKSEEGEIVAFMNIMPMYREGEISIDLMRYSKKAPKGIMDAL
FIYLFQWGKEQGYTAFNMGMAPLSNVGTTFQSFWTERLAAVIFNNVSYMYSFSGLRSFKEKYKPVWRGKYLAYRKNRSLP
VTMILVTRLIGRRTK
;
_entity_poly.pdbx_strand_id   A,B
#
loop_
_chem_comp.id
_chem_comp.type
_chem_comp.name
_chem_comp.formula
TRS non-polymer 2-AMINO-2-HYDROXYMETHYL-PROPANE-1,3-DIOL 'C4 H12 N O3 1'
#
# COMPACT_ATOMS: atom_id res chain seq x y z
N LYS A 8 -32.28 1.94 -23.40
CA LYS A 8 -31.61 1.05 -22.46
C LYS A 8 -31.29 1.77 -21.15
N GLU A 9 -31.38 1.05 -20.04
CA GLU A 9 -31.12 1.63 -18.73
C GLU A 9 -29.64 1.92 -18.53
N ILE A 10 -29.35 2.96 -17.76
CA ILE A 10 -27.98 3.41 -17.51
C ILE A 10 -27.17 2.37 -16.73
N GLY A 11 -25.89 2.24 -17.09
CA GLY A 11 -24.99 1.36 -16.38
C GLY A 11 -24.92 -0.05 -16.94
N GLU A 12 -24.04 -0.86 -16.39
CA GLU A 12 -23.87 -2.25 -16.82
C GLU A 12 -24.35 -3.22 -15.75
N GLU A 13 -24.71 -4.42 -16.19
CA GLU A 13 -25.05 -5.51 -15.28
C GLU A 13 -23.80 -5.92 -14.50
N PRO A 14 -23.94 -6.19 -13.20
CA PRO A 14 -22.80 -6.61 -12.37
C PRO A 14 -22.15 -7.90 -12.87
N ASP A 15 -20.89 -7.80 -13.29
CA ASP A 15 -20.14 -8.96 -13.77
C ASP A 15 -18.89 -9.20 -12.92
N PRO A 16 -18.89 -10.29 -12.13
CA PRO A 16 -17.82 -10.65 -11.20
C PRO A 16 -16.45 -10.79 -11.87
N GLU A 17 -16.41 -11.41 -13.05
CA GLU A 17 -15.14 -11.63 -13.74
C GLU A 17 -14.50 -10.32 -14.19
N LYS A 18 -15.31 -9.44 -14.78
CA LYS A 18 -14.81 -8.15 -15.24
C LYS A 18 -14.41 -7.28 -14.06
N LEU A 19 -15.17 -7.35 -12.97
CA LEU A 19 -14.88 -6.57 -11.78
C LEU A 19 -13.58 -7.02 -11.12
N GLU A 20 -13.39 -8.33 -11.01
CA GLU A 20 -12.19 -8.89 -10.40
C GLU A 20 -10.95 -8.49 -11.17
N ALA A 21 -11.04 -8.54 -12.50
CA ALA A 21 -9.92 -8.16 -13.35
C ALA A 21 -9.60 -6.68 -13.19
N PHE A 22 -10.65 -5.86 -13.13
CA PHE A 22 -10.49 -4.41 -13.03
C PHE A 22 -9.81 -4.00 -11.71
N LEU A 23 -10.29 -4.57 -10.61
CA LEU A 23 -9.83 -4.17 -9.28
C LEU A 23 -8.37 -4.51 -9.02
N GLU A 24 -7.82 -5.45 -9.77
CA GLU A 24 -6.44 -5.85 -9.57
C GLU A 24 -5.51 -5.19 -10.59
N GLU A 25 -6.08 -4.71 -11.69
CA GLU A 25 -5.27 -4.07 -12.73
C GLU A 25 -5.39 -2.55 -12.66
N LYS A 26 -6.37 -2.04 -11.92
CA LYS A 26 -6.58 -0.61 -11.81
C LYS A 26 -6.61 -0.14 -10.36
N GLY A 27 -6.90 -1.08 -9.46
CA GLY A 27 -6.99 -0.76 -8.04
C GLY A 27 -8.42 -0.45 -7.62
N GLY A 28 -8.66 -0.41 -6.32
CA GLY A 28 -9.97 -0.12 -5.78
C GLY A 28 -9.91 0.67 -4.49
N ASN A 29 -11.04 0.80 -3.82
CA ASN A 29 -11.10 1.49 -2.54
C ASN A 29 -11.68 0.60 -1.45
N ALA A 30 -12.30 1.23 -0.45
CA ALA A 30 -12.79 0.50 0.73
C ALA A 30 -14.09 -0.25 0.44
N LEU A 31 -14.89 0.27 -0.49
CA LEU A 31 -16.21 -0.30 -0.76
C LEU A 31 -16.25 -1.05 -2.09
N SER A 32 -15.08 -1.23 -2.71
CA SER A 32 -14.99 -1.87 -4.02
C SER A 32 -15.40 -3.34 -3.98
N HIS A 33 -15.02 -4.03 -2.91
CA HIS A 33 -15.27 -5.46 -2.79
C HIS A 33 -16.77 -5.77 -2.69
N LEU A 34 -17.56 -4.79 -2.27
CA LEU A 34 -18.99 -4.97 -2.13
C LEU A 34 -19.70 -5.15 -3.47
N GLY A 35 -18.97 -4.93 -4.56
CA GLY A 35 -19.51 -5.12 -5.89
C GLY A 35 -19.73 -6.59 -6.22
N PHE A 36 -19.16 -7.47 -5.42
CA PHE A 36 -19.30 -8.91 -5.65
C PHE A 36 -20.61 -9.45 -5.06
N LEU A 37 -21.39 -8.56 -4.46
CA LEU A 37 -22.69 -8.94 -3.92
C LEU A 37 -23.72 -9.05 -5.05
N GLY A 38 -23.43 -8.41 -6.17
CA GLY A 38 -24.30 -8.46 -7.33
C GLY A 38 -25.59 -7.68 -7.18
N ASP A 39 -25.60 -6.73 -6.25
CA ASP A 39 -26.80 -5.94 -6.00
C ASP A 39 -26.61 -4.49 -6.41
N LYS A 40 -25.54 -4.22 -7.14
CA LYS A 40 -25.26 -2.87 -7.63
C LYS A 40 -24.87 -2.91 -9.11
N ARG A 41 -25.32 -1.91 -9.86
CA ARG A 41 -24.96 -1.80 -11.27
C ARG A 41 -23.60 -1.12 -11.41
N PHE A 42 -22.91 -1.39 -12.52
CA PHE A 42 -21.58 -0.85 -12.73
C PHE A 42 -21.56 0.15 -13.88
N PHE A 43 -20.73 1.18 -13.75
CA PHE A 43 -20.53 2.15 -14.82
C PHE A 43 -19.05 2.37 -15.07
N TYR A 44 -18.52 1.72 -16.10
CA TYR A 44 -17.12 1.88 -16.45
C TYR A 44 -16.94 3.10 -17.35
N SER A 45 -15.85 3.84 -17.12
CA SER A 45 -15.55 5.00 -17.94
C SER A 45 -15.10 4.58 -19.33
N SER A 46 -15.18 5.49 -20.29
CA SER A 46 -14.76 5.22 -21.66
C SER A 46 -13.26 4.95 -21.71
N ASP A 47 -12.53 5.53 -20.76
CA ASP A 47 -11.09 5.30 -20.64
C ASP A 47 -10.81 3.87 -20.23
N GLY A 48 -11.73 3.29 -19.47
CA GLY A 48 -11.58 1.91 -19.00
C GLY A 48 -10.67 1.80 -17.79
N ASN A 49 -10.42 2.93 -17.13
CA ASN A 49 -9.54 2.97 -15.98
C ASN A 49 -10.28 3.25 -14.68
N ALA A 50 -11.54 3.64 -14.78
CA ALA A 50 -12.32 4.00 -13.60
C ALA A 50 -13.70 3.34 -13.59
N LEU A 51 -14.27 3.19 -12.39
CA LEU A 51 -15.54 2.50 -12.24
C LEU A 51 -16.43 3.09 -11.15
N ILE A 52 -17.71 3.26 -11.47
CA ILE A 52 -18.69 3.72 -10.49
C ILE A 52 -19.74 2.65 -10.22
N GLN A 53 -19.87 2.26 -8.96
CA GLN A 53 -20.89 1.30 -8.55
C GLN A 53 -22.08 2.06 -7.95
N PHE A 54 -23.29 1.64 -8.31
CA PHE A 54 -24.47 2.37 -7.87
C PHE A 54 -25.73 1.50 -7.84
N ALA A 55 -26.79 2.05 -7.26
CA ALA A 55 -28.09 1.39 -7.26
C ALA A 55 -29.17 2.40 -7.64
N LYS A 56 -30.22 1.93 -8.31
CA LYS A 56 -31.28 2.80 -8.78
C LYS A 56 -32.47 2.79 -7.83
N VAL A 57 -32.92 3.98 -7.42
CA VAL A 57 -34.09 4.11 -6.58
C VAL A 57 -35.05 5.13 -7.19
N GLY A 58 -36.02 4.65 -7.96
CA GLY A 58 -36.95 5.52 -8.65
C GLY A 58 -36.22 6.35 -9.70
N GLN A 59 -36.30 7.67 -9.56
CA GLN A 59 -35.60 8.56 -10.47
C GLN A 59 -34.31 9.07 -9.83
N ARG A 60 -33.80 8.32 -8.87
CA ARG A 60 -32.59 8.73 -8.15
C ARG A 60 -31.56 7.60 -8.06
N LEU A 61 -30.32 7.91 -8.42
CA LEU A 61 -29.24 6.94 -8.39
C LEU A 61 -28.32 7.17 -7.19
N VAL A 62 -28.06 6.11 -6.44
CA VAL A 62 -27.18 6.20 -5.27
C VAL A 62 -25.84 5.50 -5.52
N VAL A 63 -24.78 6.28 -5.60
CA VAL A 63 -23.44 5.74 -5.80
C VAL A 63 -22.80 5.33 -4.48
N LEU A 64 -22.16 4.16 -4.46
CA LEU A 64 -21.49 3.68 -3.26
C LEU A 64 -20.02 4.08 -3.26
N GLY A 65 -19.69 5.11 -2.50
CA GLY A 65 -18.31 5.55 -2.34
C GLY A 65 -17.75 6.29 -3.54
N ASP A 66 -16.45 6.56 -3.49
CA ASP A 66 -15.75 7.19 -4.60
C ASP A 66 -15.53 6.16 -5.72
N PRO A 67 -15.17 6.63 -6.93
CA PRO A 67 -14.89 5.67 -8.00
C PRO A 67 -13.71 4.74 -7.67
N SER A 68 -13.63 3.61 -8.36
CA SER A 68 -12.52 2.69 -8.20
C SER A 68 -11.60 2.76 -9.41
N GLY A 69 -10.32 2.44 -9.20
CA GLY A 69 -9.37 2.44 -10.29
C GLY A 69 -8.37 3.59 -10.23
N ARG A 70 -7.91 4.04 -11.39
CA ARG A 70 -6.93 5.12 -11.48
C ARG A 70 -7.56 6.47 -11.16
N GLU A 71 -7.00 7.17 -10.18
CA GLU A 71 -7.55 8.44 -9.71
C GLU A 71 -7.51 9.53 -10.77
N ASP A 72 -6.63 9.36 -11.76
CA ASP A 72 -6.50 10.35 -12.83
C ASP A 72 -7.69 10.29 -13.79
N SER A 73 -8.44 9.19 -13.73
CA SER A 73 -9.62 9.03 -14.58
C SER A 73 -10.91 9.29 -13.79
N PHE A 74 -10.77 9.65 -12.52
CA PHE A 74 -11.92 9.92 -11.67
C PHE A 74 -12.77 11.12 -12.13
N PRO A 75 -12.13 12.23 -12.53
CA PRO A 75 -12.98 13.32 -13.05
C PRO A 75 -13.73 12.91 -14.32
N LEU A 76 -13.14 12.03 -15.12
CA LEU A 76 -13.75 11.59 -16.37
C LEU A 76 -14.99 10.72 -16.13
N VAL A 77 -14.87 9.75 -15.24
CA VAL A 77 -15.96 8.82 -14.98
C VAL A 77 -17.14 9.50 -14.28
N ILE A 78 -16.83 10.47 -13.42
CA ILE A 78 -17.86 11.22 -12.72
C ILE A 78 -18.59 12.12 -13.72
N LYS A 79 -17.84 12.70 -14.63
CA LYS A 79 -18.40 13.55 -15.68
C LYS A 79 -19.35 12.77 -16.59
N GLU A 80 -18.90 11.59 -17.02
CA GLU A 80 -19.69 10.75 -17.91
C GLU A 80 -20.93 10.19 -17.22
N PHE A 81 -20.77 9.76 -15.97
CA PHE A 81 -21.88 9.19 -15.21
C PHE A 81 -22.97 10.21 -14.95
N LEU A 82 -22.57 11.41 -14.53
CA LEU A 82 -23.52 12.48 -14.26
C LEU A 82 -24.20 12.94 -15.54
N HIS A 83 -23.45 12.96 -16.64
CA HIS A 83 -24.00 13.34 -17.93
C HIS A 83 -25.02 12.32 -18.42
N ALA A 84 -24.67 11.04 -18.26
CA ALA A 84 -25.56 9.96 -18.67
C ALA A 84 -26.83 9.96 -17.84
N ALA A 85 -26.72 10.41 -16.59
CA ALA A 85 -27.86 10.49 -15.70
C ALA A 85 -28.70 11.72 -15.99
N ASP A 86 -28.08 12.74 -16.58
CA ASP A 86 -28.77 13.96 -16.97
C ASP A 86 -29.76 13.69 -18.10
N GLN A 87 -29.43 12.71 -18.93
CA GLN A 87 -30.27 12.36 -20.08
C GLN A 87 -31.59 11.75 -19.63
N LYS A 88 -31.53 10.86 -18.65
CA LYS A 88 -32.72 10.20 -18.13
C LYS A 88 -33.41 11.06 -17.08
N GLY A 89 -32.80 12.19 -16.75
CA GLY A 89 -33.34 13.11 -15.76
C GLY A 89 -33.28 12.54 -14.36
N TYR A 90 -32.23 11.77 -14.08
CA TYR A 90 -32.06 11.16 -12.76
C TYR A 90 -31.24 12.04 -11.84
N LEU A 91 -31.61 12.04 -10.55
CA LEU A 91 -30.83 12.70 -9.52
C LEU A 91 -29.76 11.74 -9.01
N VAL A 92 -28.54 12.24 -8.84
CA VAL A 92 -27.43 11.37 -8.42
C VAL A 92 -26.97 11.69 -7.02
N ILE A 93 -26.87 10.64 -6.19
CA ILE A 93 -26.42 10.77 -4.81
C ILE A 93 -25.15 9.94 -4.60
N PHE A 94 -24.17 10.51 -3.90
CA PHE A 94 -22.95 9.78 -3.59
C PHE A 94 -22.89 9.46 -2.10
N TYR A 95 -22.73 8.17 -1.78
CA TYR A 95 -22.79 7.73 -0.40
C TYR A 95 -21.43 7.21 0.09
N GLN A 96 -21.00 7.74 1.24
CA GLN A 96 -19.73 7.39 1.88
C GLN A 96 -18.52 7.67 0.99
N ILE A 97 -18.38 8.93 0.59
CA ILE A 97 -17.16 9.38 -0.07
C ILE A 97 -16.21 9.95 0.96
N GLU A 98 -14.98 10.24 0.57
CA GLU A 98 -13.98 10.77 1.49
C GLU A 98 -13.68 12.23 1.21
N ARG A 99 -13.10 12.92 2.19
CA ARG A 99 -12.89 14.36 2.12
C ARG A 99 -11.93 14.77 1.01
N GLU A 100 -10.88 13.97 0.79
CA GLU A 100 -9.85 14.34 -0.17
C GLU A 100 -10.32 14.27 -1.62
N ASP A 101 -11.58 13.89 -1.82
CA ASP A 101 -12.16 13.78 -3.15
C ASP A 101 -13.32 14.75 -3.35
N MET A 102 -13.51 15.65 -2.39
CA MET A 102 -14.63 16.59 -2.43
C MET A 102 -14.56 17.54 -3.63
N ALA A 103 -13.35 17.79 -4.12
CA ALA A 103 -13.15 18.69 -5.25
C ALA A 103 -13.79 18.14 -6.52
N LEU A 104 -13.88 16.82 -6.60
CA LEU A 104 -14.47 16.16 -7.76
C LEU A 104 -15.97 16.43 -7.88
N TYR A 105 -16.63 16.60 -6.74
CA TYR A 105 -18.07 16.73 -6.71
C TYR A 105 -18.51 18.18 -6.50
N HIS A 106 -17.62 18.98 -5.93
CA HIS A 106 -17.93 20.39 -5.65
C HIS A 106 -18.13 21.18 -6.94
N ASP A 107 -17.44 20.78 -8.00
CA ASP A 107 -17.52 21.45 -9.29
C ASP A 107 -18.88 21.24 -9.96
N PHE A 108 -19.59 20.21 -9.51
CA PHE A 108 -20.93 19.92 -10.04
C PHE A 108 -22.01 20.44 -9.11
N GLY A 109 -21.61 21.29 -8.16
CA GLY A 109 -22.56 21.92 -7.26
C GLY A 109 -23.11 20.99 -6.20
N TYR A 110 -22.28 20.07 -5.72
CA TYR A 110 -22.70 19.14 -4.68
C TYR A 110 -22.36 19.65 -3.29
N ARG A 111 -23.22 19.35 -2.33
CA ARG A 111 -22.98 19.69 -0.92
C ARG A 111 -22.62 18.41 -0.16
N PHE A 112 -22.02 18.57 1.01
CA PHE A 112 -21.51 17.41 1.74
C PHE A 112 -22.05 17.35 3.17
N PHE A 113 -22.26 16.12 3.64
CA PHE A 113 -22.76 15.87 4.98
C PHE A 113 -22.02 14.70 5.61
N LYS A 114 -21.40 14.94 6.78
CA LYS A 114 -20.59 13.92 7.42
C LYS A 114 -21.45 12.82 8.04
N LEU A 115 -21.29 11.61 7.53
CA LEU A 115 -22.08 10.46 7.96
C LEU A 115 -21.52 9.82 9.22
N GLY A 116 -20.20 9.88 9.36
CA GLY A 116 -19.53 9.24 10.47
C GLY A 116 -18.04 9.13 10.18
N GLU A 117 -17.33 8.36 11.01
CA GLU A 117 -15.89 8.19 10.83
C GLU A 117 -15.50 6.72 10.93
N GLU A 118 -14.57 6.31 10.07
CA GLU A 118 -14.04 4.94 10.11
C GLU A 118 -12.90 4.84 11.11
N ALA A 119 -12.96 3.82 11.96
CA ALA A 119 -11.91 3.59 12.94
C ALA A 119 -10.74 2.85 12.32
N ILE A 120 -9.61 3.54 12.18
CA ILE A 120 -8.41 2.94 11.61
C ILE A 120 -7.37 2.68 12.69
N VAL A 121 -7.14 1.40 12.98
CA VAL A 121 -6.23 1.01 14.04
C VAL A 121 -4.83 0.71 13.52
N ASP A 122 -3.84 1.38 14.10
CA ASP A 122 -2.44 1.13 13.79
C ASP A 122 -2.01 -0.21 14.37
N LEU A 123 -1.73 -1.18 13.50
CA LEU A 123 -1.40 -2.53 13.94
C LEU A 123 0.01 -2.63 14.54
N ASP A 124 0.88 -1.70 14.17
CA ASP A 124 2.24 -1.71 14.68
C ASP A 124 2.31 -1.23 16.13
N THR A 125 1.48 -0.24 16.46
CA THR A 125 1.50 0.35 17.80
C THR A 125 0.40 -0.18 18.70
N PHE A 126 -0.47 -1.04 18.16
CA PHE A 126 -1.52 -1.64 18.98
C PHE A 126 -0.96 -2.73 19.88
N THR A 127 -1.44 -2.78 21.11
CA THR A 127 -1.05 -3.82 22.05
C THR A 127 -2.07 -3.94 23.18
N ILE A 128 -2.06 -5.06 23.87
CA ILE A 128 -2.93 -5.26 25.02
C ILE A 128 -2.12 -5.24 26.31
N SER A 129 -0.90 -4.71 26.21
CA SER A 129 0.02 -4.67 27.34
C SER A 129 -0.08 -3.34 28.10
N GLY A 130 -0.95 -2.46 27.62
CA GLY A 130 -1.11 -1.14 28.22
C GLY A 130 -1.62 -1.21 29.65
N LYS A 131 -1.38 -0.13 30.39
CA LYS A 131 -1.82 -0.04 31.78
C LYS A 131 -3.35 0.05 31.87
N LYS A 132 -3.94 0.73 30.90
CA LYS A 132 -5.39 0.87 30.85
C LYS A 132 -6.01 -0.24 29.99
N ARG A 133 -5.16 -1.03 29.35
CA ARG A 133 -5.61 -2.13 28.51
C ARG A 133 -5.78 -3.42 29.30
N ALA A 134 -6.15 -3.29 30.56
CA ALA A 134 -6.34 -4.45 31.43
C ALA A 134 -7.63 -5.19 31.05
N GLY A 135 -8.57 -4.46 30.47
CA GLY A 135 -9.84 -5.05 30.06
C GLY A 135 -9.69 -5.97 28.87
N LEU A 136 -9.01 -5.47 27.83
CA LEU A 136 -8.82 -6.25 26.61
C LEU A 136 -7.91 -7.45 26.84
N ARG A 137 -6.89 -7.26 27.69
CA ARG A 137 -5.94 -8.33 27.99
C ARG A 137 -6.63 -9.45 28.77
N ALA A 138 -7.59 -9.08 29.60
CA ALA A 138 -8.35 -10.06 30.36
C ALA A 138 -9.21 -10.92 29.43
N ILE A 139 -9.80 -10.29 28.43
CA ILE A 139 -10.64 -10.99 27.46
C ILE A 139 -9.80 -11.99 26.65
N TYR A 140 -8.64 -11.53 26.20
CA TYR A 140 -7.74 -12.39 25.42
C TYR A 140 -7.28 -13.60 26.22
N ASN A 141 -6.85 -13.35 27.46
CA ASN A 141 -6.35 -14.42 28.32
C ASN A 141 -7.42 -15.46 28.62
N ARG A 142 -8.65 -15.00 28.80
CA ARG A 142 -9.76 -15.92 29.09
C ARG A 142 -10.05 -16.83 27.90
N PHE A 143 -10.09 -16.24 26.70
CA PHE A 143 -10.29 -17.01 25.48
C PHE A 143 -9.13 -17.97 25.25
N GLU A 144 -7.92 -17.53 25.58
CA GLU A 144 -6.73 -18.36 25.46
C GLU A 144 -6.77 -19.49 26.49
N ARG A 145 -7.28 -19.17 27.68
CA ARG A 145 -7.36 -20.15 28.76
C ARG A 145 -8.37 -21.25 28.42
N GLU A 146 -9.54 -20.85 27.94
CA GLU A 146 -10.62 -21.79 27.65
C GLU A 146 -10.37 -22.56 26.36
N GLY A 147 -9.26 -22.26 25.69
CA GLY A 147 -8.80 -23.06 24.57
C GLY A 147 -9.42 -22.76 23.22
N TYR A 148 -9.73 -21.48 22.98
CA TYR A 148 -10.24 -21.07 21.68
C TYR A 148 -9.08 -20.80 20.73
N THR A 149 -9.24 -21.21 19.47
CA THR A 149 -8.19 -21.05 18.47
C THR A 149 -8.68 -20.25 17.27
N PHE A 150 -7.79 -19.41 16.73
CA PHE A 150 -8.12 -18.54 15.62
C PHE A 150 -7.45 -19.00 14.34
N HIS A 151 -8.22 -19.16 13.27
CA HIS A 151 -7.70 -19.67 12.01
C HIS A 151 -8.23 -18.88 10.81
N VAL A 152 -7.37 -18.65 9.83
CA VAL A 152 -7.76 -17.99 8.59
C VAL A 152 -7.75 -18.99 7.44
N GLU A 153 -8.91 -19.20 6.82
CA GLU A 153 -9.04 -20.16 5.74
C GLU A 153 -9.03 -19.48 4.37
N GLN A 154 -8.51 -20.19 3.38
CA GLN A 154 -8.43 -19.66 2.02
C GLN A 154 -9.41 -20.36 1.08
N PRO A 155 -10.03 -19.60 0.17
CA PRO A 155 -10.90 -20.18 -0.85
C PRO A 155 -10.13 -21.14 -1.75
N PRO A 156 -10.81 -22.13 -2.36
CA PRO A 156 -12.27 -22.36 -2.32
C PRO A 156 -12.74 -23.03 -1.04
N PHE A 157 -14.00 -22.80 -0.68
CA PHE A 157 -14.57 -23.40 0.52
C PHE A 157 -15.59 -24.47 0.16
N SER A 158 -15.58 -25.57 0.91
CA SER A 158 -16.51 -26.67 0.66
C SER A 158 -17.89 -26.37 1.21
N ARG A 159 -18.88 -27.17 0.80
CA ARG A 159 -20.24 -27.01 1.27
C ARG A 159 -20.34 -27.28 2.77
N GLU A 160 -19.57 -28.26 3.23
CA GLU A 160 -19.54 -28.60 4.66
C GLU A 160 -19.07 -27.41 5.48
N PHE A 161 -18.08 -26.70 4.97
CA PHE A 161 -17.54 -25.52 5.66
C PHE A 161 -18.55 -24.39 5.63
N LEU A 162 -19.17 -24.16 4.48
CA LEU A 162 -20.17 -23.10 4.33
C LEU A 162 -21.41 -23.38 5.19
N ASN A 163 -21.79 -24.64 5.28
CA ASN A 163 -22.91 -25.04 6.13
C ASN A 163 -22.67 -24.68 7.59
N GLU A 164 -21.45 -24.88 8.05
CA GLU A 164 -21.08 -24.56 9.42
C GLU A 164 -21.08 -23.05 9.66
N LEU A 165 -20.75 -22.30 8.62
CA LEU A 165 -20.78 -20.84 8.69
C LEU A 165 -22.21 -20.33 8.67
N ARG A 166 -23.06 -21.00 7.91
CA ARG A 166 -24.46 -20.61 7.79
C ARG A 166 -25.19 -20.80 9.12
N GLN A 167 -24.90 -21.91 9.79
CA GLN A 167 -25.50 -22.19 11.10
C GLN A 167 -25.14 -21.10 12.10
N VAL A 168 -23.89 -20.66 12.06
CA VAL A 168 -23.43 -19.56 12.91
C VAL A 168 -24.11 -18.26 12.49
N SER A 169 -24.20 -18.03 11.19
CA SER A 169 -24.80 -16.82 10.65
C SER A 169 -26.30 -16.74 10.98
N ASP A 170 -27.02 -17.82 10.71
CA ASP A 170 -28.46 -17.87 10.97
C ASP A 170 -28.77 -17.64 12.44
N GLU A 171 -27.95 -18.22 13.32
CA GLU A 171 -28.14 -18.08 14.75
C GLU A 171 -27.87 -16.64 15.19
N TRP A 172 -26.88 -16.02 14.54
CA TRP A 172 -26.51 -14.64 14.84
C TRP A 172 -27.59 -13.67 14.37
N LEU A 173 -28.18 -13.94 13.21
CA LEU A 173 -29.20 -13.08 12.63
C LEU A 173 -30.49 -13.08 13.44
N GLY A 174 -30.88 -14.26 13.93
CA GLY A 174 -32.13 -14.41 14.64
C GLY A 174 -33.30 -14.21 13.70
N ARG A 175 -34.22 -13.32 14.08
CA ARG A 175 -35.39 -13.05 13.26
C ARG A 175 -35.10 -11.94 12.25
N LYS A 176 -33.89 -11.40 12.29
CA LYS A 176 -33.50 -10.32 11.38
C LYS A 176 -33.11 -10.86 10.00
N LYS A 177 -33.41 -10.07 8.97
CA LYS A 177 -33.03 -10.41 7.62
C LYS A 177 -31.79 -9.65 7.20
N GLU A 178 -31.19 -10.04 6.08
CA GLU A 178 -29.94 -9.45 5.63
C GLU A 178 -30.10 -8.03 5.11
N LYS A 179 -29.08 -7.21 5.34
CA LYS A 179 -29.01 -5.88 4.75
C LYS A 179 -28.06 -5.94 3.55
N GLY A 180 -28.06 -4.90 2.73
CA GLY A 180 -27.26 -4.90 1.52
C GLY A 180 -26.67 -3.57 1.13
N PHE A 181 -26.40 -3.43 -0.17
CA PHE A 181 -25.80 -2.23 -0.75
C PHE A 181 -24.44 -1.89 -0.14
N SER A 182 -24.45 -1.21 0.99
CA SER A 182 -23.21 -0.80 1.65
C SER A 182 -22.76 -1.78 2.71
N LEU A 183 -23.58 -2.80 2.95
CA LEU A 183 -23.25 -3.85 3.91
C LEU A 183 -23.24 -5.20 3.21
N GLY A 184 -22.45 -6.13 3.74
CA GLY A 184 -22.40 -7.46 3.17
C GLY A 184 -23.45 -8.38 3.76
N PHE A 185 -23.71 -9.47 3.06
CA PHE A 185 -24.62 -10.50 3.56
C PHE A 185 -24.09 -11.88 3.20
N PHE A 186 -24.75 -12.91 3.71
CA PHE A 186 -24.29 -14.29 3.49
C PHE A 186 -24.65 -14.77 2.09
N GLN A 187 -23.76 -14.55 1.14
CA GLN A 187 -23.90 -15.12 -0.19
C GLN A 187 -22.67 -15.96 -0.52
N GLU A 188 -22.92 -17.18 -0.99
CA GLU A 188 -21.86 -18.15 -1.23
C GLU A 188 -20.84 -17.67 -2.28
N ASP A 189 -21.33 -17.11 -3.37
CA ASP A 189 -20.46 -16.52 -4.40
C ASP A 189 -19.55 -15.46 -3.79
N TYR A 190 -20.14 -14.57 -3.01
CA TYR A 190 -19.43 -13.49 -2.35
C TYR A 190 -18.38 -14.01 -1.37
N LEU A 191 -18.72 -15.05 -0.64
CA LEU A 191 -17.83 -15.60 0.38
C LEU A 191 -16.62 -16.33 -0.21
N GLN A 192 -16.71 -16.71 -1.47
CA GLN A 192 -15.60 -17.40 -2.15
C GLN A 192 -14.54 -16.42 -2.63
N LYS A 193 -14.84 -15.13 -2.52
CA LYS A 193 -13.98 -14.08 -3.09
C LYS A 193 -12.89 -13.60 -2.14
N ALA A 194 -12.88 -14.10 -0.91
CA ALA A 194 -11.96 -13.61 0.10
C ALA A 194 -11.68 -14.64 1.18
N PRO A 195 -10.55 -14.51 1.89
CA PRO A 195 -10.26 -15.40 3.02
C PRO A 195 -11.30 -15.28 4.11
N ILE A 196 -11.52 -16.37 4.84
CA ILE A 196 -12.47 -16.37 5.95
C ILE A 196 -11.77 -16.76 7.25
N ALA A 197 -11.83 -15.87 8.23
CA ALA A 197 -11.25 -16.13 9.54
C ALA A 197 -12.29 -16.71 10.47
N VAL A 198 -11.95 -17.81 11.15
CA VAL A 198 -12.89 -18.46 12.06
C VAL A 198 -12.32 -18.60 13.47
N LEU A 199 -13.22 -18.67 14.45
CA LEU A 199 -12.84 -18.93 15.82
C LEU A 199 -13.45 -20.25 16.27
N LYS A 200 -12.58 -21.21 16.60
CA LYS A 200 -13.04 -22.54 17.00
C LYS A 200 -12.85 -22.78 18.49
N SER A 201 -13.74 -23.60 19.07
CA SER A 201 -13.61 -24.01 20.46
C SER A 201 -12.59 -25.14 20.57
N GLU A 202 -12.44 -25.70 21.77
CA GLU A 202 -11.54 -26.82 21.99
C GLU A 202 -11.97 -28.04 21.20
N GLU A 203 -13.29 -28.22 21.08
CA GLU A 203 -13.85 -29.37 20.38
C GLU A 203 -13.76 -29.18 18.87
N GLY A 204 -13.26 -28.03 18.44
CA GLY A 204 -13.10 -27.74 17.03
C GLY A 204 -14.36 -27.21 16.40
N GLU A 205 -15.29 -26.74 17.23
CA GLU A 205 -16.55 -26.21 16.73
C GLU A 205 -16.44 -24.72 16.43
N ILE A 206 -16.78 -24.35 15.20
CA ILE A 206 -16.75 -22.95 14.77
C ILE A 206 -17.85 -22.16 15.49
N VAL A 207 -17.45 -21.16 16.27
CA VAL A 207 -18.40 -20.34 17.01
C VAL A 207 -18.47 -18.92 16.49
N ALA A 208 -17.58 -18.58 15.56
CA ALA A 208 -17.55 -17.25 14.97
C ALA A 208 -16.78 -17.23 13.65
N PHE A 209 -17.14 -16.32 12.75
CA PHE A 209 -16.41 -16.17 11.50
C PHE A 209 -16.42 -14.75 10.97
N MET A 210 -15.38 -14.40 10.23
CA MET A 210 -15.27 -13.10 9.57
C MET A 210 -14.64 -13.27 8.20
N ASN A 211 -15.06 -12.44 7.24
CA ASN A 211 -14.44 -12.47 5.93
C ASN A 211 -13.46 -11.31 5.75
N ILE A 212 -12.21 -11.64 5.44
CA ILE A 212 -11.14 -10.64 5.33
C ILE A 212 -11.16 -9.94 3.97
N MET A 213 -11.37 -8.63 4.01
CA MET A 213 -11.53 -7.85 2.79
C MET A 213 -10.22 -7.36 2.18
N PRO A 214 -10.07 -7.51 0.86
N PRO A 214 -10.09 -7.45 0.85
CA PRO A 214 -8.82 -7.33 0.11
CA PRO A 214 -9.05 -6.73 0.13
C PRO A 214 -8.10 -6.01 0.35
C PRO A 214 -9.37 -5.23 0.07
N MET A 215 -6.79 -6.03 0.23
N MET A 215 -8.44 -4.39 0.48
CA MET A 215 -5.97 -4.83 0.34
CA MET A 215 -8.74 -2.96 0.65
C MET A 215 -6.06 -3.99 -0.93
C MET A 215 -8.12 -2.11 -0.44
N TYR A 216 -6.80 -2.89 -0.84
N TYR A 216 -7.17 -2.69 -1.18
CA TYR A 216 -6.90 -1.96 -1.96
CA TYR A 216 -6.52 -2.01 -2.30
C TYR A 216 -6.25 -0.63 -1.58
C TYR A 216 -5.84 -0.71 -1.87
N ARG A 217 -5.41 -0.67 -0.55
N ARG A 217 -5.40 -0.64 -0.62
CA ARG A 217 -4.69 0.51 -0.08
CA ARG A 217 -4.69 0.52 -0.12
C ARG A 217 -3.23 0.15 0.17
C ARG A 217 -3.24 0.11 0.19
N GLU A 218 -2.65 0.73 1.21
CA GLU A 218 -1.27 0.44 1.58
C GLU A 218 -1.18 -0.91 2.29
N GLY A 219 -1.01 -0.87 3.61
CA GLY A 219 -0.98 -2.08 4.40
C GLY A 219 -2.22 -2.18 5.26
N GLU A 220 -3.37 -1.87 4.66
CA GLU A 220 -4.63 -1.83 5.39
C GLU A 220 -5.56 -2.96 4.98
N ILE A 221 -6.13 -3.64 5.97
CA ILE A 221 -7.16 -4.63 5.74
C ILE A 221 -8.39 -4.33 6.58
N SER A 222 -9.44 -5.11 6.37
CA SER A 222 -10.64 -5.01 7.18
C SER A 222 -11.51 -6.24 6.99
N ILE A 223 -12.62 -6.28 7.72
CA ILE A 223 -13.59 -7.35 7.56
C ILE A 223 -14.93 -6.76 7.15
N ASP A 224 -15.84 -7.62 6.73
CA ASP A 224 -17.18 -7.19 6.34
C ASP A 224 -18.19 -7.79 7.30
N LEU A 225 -18.28 -9.11 7.29
CA LEU A 225 -19.16 -9.83 8.21
C LEU A 225 -18.41 -10.24 9.47
N MET A 226 -19.07 -10.10 10.61
CA MET A 226 -18.57 -10.66 11.86
C MET A 226 -19.74 -11.25 12.64
N ARG A 227 -19.85 -12.57 12.62
CA ARG A 227 -21.01 -13.24 13.19
C ARG A 227 -20.61 -14.38 14.11
N TYR A 228 -21.38 -14.59 15.17
CA TYR A 228 -21.06 -15.59 16.17
C TYR A 228 -22.31 -16.28 16.70
N SER A 229 -22.17 -17.52 17.15
CA SER A 229 -23.28 -18.29 17.68
C SER A 229 -23.54 -17.94 19.15
N LYS A 230 -24.59 -18.51 19.72
CA LYS A 230 -24.99 -18.20 21.09
C LYS A 230 -24.04 -18.82 22.11
N LYS A 231 -23.26 -19.80 21.68
CA LYS A 231 -22.33 -20.47 22.59
C LYS A 231 -21.00 -19.73 22.65
N ALA A 232 -20.89 -18.64 21.91
CA ALA A 232 -19.70 -17.80 21.95
C ALA A 232 -19.67 -17.02 23.26
N PRO A 233 -18.50 -17.00 23.93
CA PRO A 233 -18.34 -16.35 25.23
C PRO A 233 -18.59 -14.84 25.19
N LYS A 234 -18.75 -14.24 26.36
CA LYS A 234 -18.92 -12.79 26.46
C LYS A 234 -17.63 -12.08 26.06
N GLY A 235 -17.77 -10.94 25.40
CA GLY A 235 -16.61 -10.21 24.90
C GLY A 235 -16.09 -10.82 23.62
N ILE A 236 -16.97 -11.53 22.92
CA ILE A 236 -16.61 -12.24 21.70
C ILE A 236 -16.08 -11.30 20.61
N MET A 237 -16.73 -10.14 20.46
CA MET A 237 -16.33 -9.20 19.42
C MET A 237 -14.97 -8.58 19.72
N ASP A 238 -14.73 -8.28 20.99
CA ASP A 238 -13.43 -7.75 21.41
C ASP A 238 -12.32 -8.77 21.17
N ALA A 239 -12.61 -10.03 21.48
CA ALA A 239 -11.65 -11.10 21.29
C ALA A 239 -11.26 -11.28 19.82
N LEU A 240 -12.27 -11.22 18.94
CA LEU A 240 -12.04 -11.41 17.52
C LEU A 240 -11.14 -10.33 16.93
N PHE A 241 -11.37 -9.09 17.32
CA PHE A 241 -10.54 -7.98 16.84
C PHE A 241 -9.11 -8.10 17.35
N ILE A 242 -8.95 -8.61 18.55
CA ILE A 242 -7.63 -8.85 19.12
C ILE A 242 -6.89 -9.92 18.32
N TYR A 243 -7.58 -11.02 18.03
CA TYR A 243 -7.01 -12.09 17.22
C TYR A 243 -6.75 -11.60 15.79
N LEU A 244 -7.66 -10.78 15.26
CA LEU A 244 -7.49 -10.21 13.94
C LEU A 244 -6.28 -9.31 13.84
N PHE A 245 -6.12 -8.44 14.84
CA PHE A 245 -4.99 -7.50 14.85
C PHE A 245 -3.66 -8.23 15.02
N GLN A 246 -3.69 -9.33 15.76
CA GLN A 246 -2.50 -10.16 15.93
C GLN A 246 -2.11 -10.81 14.60
N TRP A 247 -3.09 -11.34 13.90
CA TRP A 247 -2.87 -11.98 12.62
C TRP A 247 -2.43 -10.97 11.56
N GLY A 248 -3.07 -9.81 11.56
CA GLY A 248 -2.74 -8.76 10.60
C GLY A 248 -1.33 -8.24 10.77
N LYS A 249 -0.91 -8.06 12.01
CA LYS A 249 0.44 -7.61 12.31
C LYS A 249 1.45 -8.66 11.91
N GLU A 250 1.07 -9.93 12.07
CA GLU A 250 1.94 -11.04 11.73
C GLU A 250 2.14 -11.17 10.23
N GLN A 251 1.10 -10.84 9.46
CA GLN A 251 1.17 -10.95 8.00
C GLN A 251 1.93 -9.77 7.38
N GLY A 252 2.04 -8.68 8.14
CA GLY A 252 2.78 -7.51 7.68
C GLY A 252 1.90 -6.34 7.32
N TYR A 253 0.64 -6.39 7.74
CA TYR A 253 -0.27 -5.27 7.49
C TYR A 253 -0.03 -4.15 8.49
N THR A 254 -0.25 -2.92 8.06
CA THR A 254 0.06 -1.75 8.88
C THR A 254 -1.18 -1.24 9.63
N ALA A 255 -2.33 -1.26 8.96
CA ALA A 255 -3.55 -0.71 9.54
C ALA A 255 -4.75 -1.62 9.38
N PHE A 256 -5.76 -1.40 10.22
CA PHE A 256 -7.01 -2.16 10.12
C PHE A 256 -8.21 -1.22 10.16
N ASN A 257 -9.15 -1.43 9.24
CA ASN A 257 -10.36 -0.62 9.21
C ASN A 257 -11.48 -1.33 9.97
N MET A 258 -11.87 -0.76 11.11
CA MET A 258 -12.91 -1.36 11.95
C MET A 258 -14.30 -0.96 11.49
N GLY A 259 -14.39 -0.26 10.36
CA GLY A 259 -15.67 0.18 9.85
C GLY A 259 -16.06 1.54 10.39
N MET A 260 -17.18 2.07 9.89
CA MET A 260 -17.62 3.40 10.27
C MET A 260 -18.26 3.43 11.65
N ALA A 261 -18.05 4.53 12.36
CA ALA A 261 -18.67 4.75 13.66
C ALA A 261 -19.39 6.10 13.64
N PRO A 262 -20.43 6.26 14.47
CA PRO A 262 -21.13 7.54 14.54
C PRO A 262 -20.23 8.66 15.03
N LEU A 263 -20.52 9.88 14.60
CA LEU A 263 -19.74 11.04 15.04
C LEU A 263 -19.94 11.30 16.53
N SER A 264 -18.98 11.97 17.15
CA SER A 264 -19.14 12.42 18.53
C SER A 264 -20.00 13.67 18.54
N ASN A 265 -20.27 14.21 19.73
CA ASN A 265 -21.08 15.41 19.85
C ASN A 265 -20.32 16.68 19.51
N VAL A 266 -19.19 16.52 18.80
CA VAL A 266 -18.34 17.62 18.39
C VAL A 266 -17.87 18.45 19.60
N GLY A 267 -18.76 19.28 20.12
CA GLY A 267 -18.46 20.06 21.31
C GLY A 267 -18.62 21.55 21.15
N THR A 268 -18.80 21.99 19.91
CA THR A 268 -18.96 23.40 19.54
C THR A 268 -17.98 24.33 20.27
N SER A 272 -26.60 26.69 13.54
CA SER A 272 -26.85 25.26 13.36
C SER A 272 -27.77 24.99 12.18
N PHE A 273 -27.47 23.94 11.43
CA PHE A 273 -28.26 23.56 10.26
C PHE A 273 -29.23 22.43 10.60
N TRP A 274 -29.32 22.10 11.89
CA TRP A 274 -30.15 20.99 12.33
C TRP A 274 -31.63 21.33 12.37
N THR A 275 -32.44 20.43 11.79
CA THR A 275 -33.89 20.53 11.88
C THR A 275 -34.42 19.29 12.57
N GLU A 276 -35.70 19.31 12.95
CA GLU A 276 -36.31 18.16 13.59
C GLU A 276 -36.44 17.00 12.61
N ARG A 277 -36.73 17.34 11.36
CA ARG A 277 -36.80 16.35 10.29
C ARG A 277 -35.51 15.54 10.20
N LEU A 278 -34.40 16.25 10.03
CA LEU A 278 -33.09 15.62 9.86
C LEU A 278 -32.68 14.85 11.11
N ALA A 279 -32.97 15.41 12.28
CA ALA A 279 -32.62 14.79 13.55
C ALA A 279 -33.31 13.44 13.72
N ALA A 280 -34.61 13.41 13.45
CA ALA A 280 -35.41 12.19 13.59
C ALA A 280 -34.93 11.10 12.63
N VAL A 281 -34.53 11.51 11.43
CA VAL A 281 -34.06 10.57 10.42
C VAL A 281 -32.74 9.92 10.81
N ILE A 282 -31.84 10.73 11.35
CA ILE A 282 -30.51 10.23 11.73
C ILE A 282 -30.55 9.24 12.87
N PHE A 283 -31.28 9.57 13.93
CA PHE A 283 -31.41 8.67 15.08
C PHE A 283 -32.16 7.39 14.69
N ASN A 284 -33.02 7.50 13.68
CA ASN A 284 -33.65 6.31 13.09
C ASN A 284 -32.62 5.47 12.35
N ASN A 285 -31.64 6.15 11.76
CA ASN A 285 -30.66 5.52 10.90
C ASN A 285 -29.58 4.74 11.65
N VAL A 286 -29.28 5.15 12.89
CA VAL A 286 -28.22 4.53 13.67
C VAL A 286 -28.42 3.02 13.83
N SER A 287 -28.13 2.29 12.76
CA SER A 287 -28.30 0.84 12.71
C SER A 287 -27.82 0.29 11.38
N TYR A 288 -28.02 1.07 10.31
CA TYR A 288 -27.78 0.62 8.96
C TYR A 288 -26.41 1.04 8.43
N MET A 289 -25.75 1.96 9.14
CA MET A 289 -24.51 2.52 8.64
C MET A 289 -23.29 2.16 9.50
N TYR A 290 -23.55 1.65 10.71
CA TYR A 290 -22.46 1.35 11.63
C TYR A 290 -22.40 -0.14 11.97
N SER A 291 -21.40 -0.81 11.40
CA SER A 291 -21.25 -2.25 11.56
C SER A 291 -20.74 -2.64 12.94
N PHE A 292 -20.85 -3.93 13.26
CA PHE A 292 -20.39 -4.50 14.52
C PHE A 292 -21.09 -3.87 15.73
N SER A 293 -20.70 -2.63 16.05
CA SER A 293 -21.31 -1.92 17.17
C SER A 293 -21.68 -0.50 16.78
N GLY A 294 -22.86 -0.07 17.19
CA GLY A 294 -23.33 1.29 16.93
C GLY A 294 -22.73 2.28 17.91
N LEU A 295 -21.92 1.77 18.82
CA LEU A 295 -21.26 2.61 19.82
C LEU A 295 -19.87 3.02 19.36
N ARG A 296 -19.66 4.34 19.28
CA ARG A 296 -18.35 4.89 18.92
C ARG A 296 -17.30 4.48 19.93
N SER A 297 -17.72 4.37 21.20
CA SER A 297 -16.82 4.03 22.29
C SER A 297 -16.23 2.64 22.14
N PHE A 298 -16.95 1.75 21.48
CA PHE A 298 -16.48 0.38 21.24
C PHE A 298 -15.21 0.40 20.40
N LYS A 299 -15.21 1.21 19.36
CA LYS A 299 -14.06 1.32 18.46
C LYS A 299 -13.01 2.27 19.02
N GLU A 300 -13.45 3.24 19.80
CA GLU A 300 -12.57 4.30 20.29
C GLU A 300 -11.53 3.76 21.27
N LYS A 301 -11.88 2.70 22.00
CA LYS A 301 -10.99 2.14 23.01
C LYS A 301 -9.79 1.43 22.38
N TYR A 302 -9.79 1.30 21.06
CA TYR A 302 -8.65 0.75 20.34
C TYR A 302 -7.74 1.89 19.88
N LYS A 303 -8.05 3.10 20.32
CA LYS A 303 -7.30 4.30 19.95
C LYS A 303 -7.03 4.41 18.45
N PRO A 304 -8.10 4.51 17.64
CA PRO A 304 -7.90 4.54 16.19
C PRO A 304 -7.73 5.95 15.65
N VAL A 305 -7.31 6.04 14.39
CA VAL A 305 -7.31 7.32 13.67
C VAL A 305 -8.61 7.41 12.89
N TRP A 306 -9.44 8.40 13.21
CA TRP A 306 -10.76 8.51 12.59
C TRP A 306 -10.67 9.07 11.18
N ARG A 307 -11.33 8.40 10.24
CA ARG A 307 -11.41 8.87 8.86
C ARG A 307 -12.86 9.09 8.46
N GLY A 308 -13.23 10.34 8.24
CA GLY A 308 -14.60 10.71 7.97
C GLY A 308 -15.15 10.23 6.63
N LYS A 309 -16.43 9.87 6.64
CA LYS A 309 -17.14 9.51 5.42
C LYS A 309 -18.29 10.48 5.21
N TYR A 310 -18.53 10.86 3.96
CA TYR A 310 -19.48 11.94 3.68
C TYR A 310 -20.55 11.55 2.67
N LEU A 311 -21.71 12.18 2.79
CA LEU A 311 -22.77 12.07 1.81
C LEU A 311 -22.72 13.27 0.87
N ALA A 312 -22.69 13.01 -0.43
CA ALA A 312 -22.70 14.10 -1.41
C ALA A 312 -24.10 14.27 -2.00
N TYR A 313 -24.71 15.42 -1.70
CA TYR A 313 -26.06 15.71 -2.15
C TYR A 313 -26.11 17.11 -2.77
N ARG A 314 -27.23 17.44 -3.42
CA ARG A 314 -27.36 18.73 -4.08
C ARG A 314 -28.26 19.70 -3.31
N LYS A 315 -29.46 19.25 -2.98
CA LYS A 315 -30.41 20.10 -2.26
C LYS A 315 -30.39 19.82 -0.76
N ASN A 316 -30.16 20.85 0.04
CA ASN A 316 -30.07 20.72 1.49
C ASN A 316 -31.42 20.44 2.14
N ARG A 317 -32.49 20.92 1.50
CA ARG A 317 -33.83 20.75 2.03
C ARG A 317 -34.32 19.31 1.81
N SER A 318 -33.66 18.60 0.90
CA SER A 318 -34.04 17.23 0.57
C SER A 318 -33.12 16.22 1.25
N LEU A 319 -32.27 16.70 2.15
CA LEU A 319 -31.33 15.84 2.86
C LEU A 319 -31.99 14.79 3.78
N PRO A 320 -33.05 15.18 4.53
CA PRO A 320 -33.70 14.13 5.34
C PRO A 320 -34.28 12.99 4.50
N VAL A 321 -34.89 13.32 3.37
CA VAL A 321 -35.45 12.31 2.48
C VAL A 321 -34.34 11.43 1.91
N THR A 322 -33.25 12.07 1.50
CA THR A 322 -32.10 11.37 0.93
C THR A 322 -31.56 10.29 1.86
N MET A 323 -31.46 10.62 3.15
CA MET A 323 -30.98 9.67 4.15
C MET A 323 -31.92 8.48 4.29
N ILE A 324 -33.22 8.74 4.21
CA ILE A 324 -34.23 7.69 4.31
C ILE A 324 -34.14 6.73 3.13
N LEU A 325 -34.00 7.28 1.93
CA LEU A 325 -33.89 6.48 0.72
C LEU A 325 -32.68 5.54 0.77
N VAL A 326 -31.56 6.07 1.25
CA VAL A 326 -30.33 5.29 1.38
C VAL A 326 -30.48 4.23 2.47
N THR A 327 -31.10 4.61 3.58
CA THR A 327 -31.33 3.69 4.68
C THR A 327 -32.18 2.50 4.24
N ARG A 328 -33.24 2.78 3.49
CA ARG A 328 -34.11 1.73 2.97
C ARG A 328 -33.38 0.89 1.92
N LEU A 329 -32.48 1.53 1.17
CA LEU A 329 -31.69 0.82 0.17
C LEU A 329 -30.78 -0.20 0.84
N ILE A 330 -30.20 0.19 1.98
CA ILE A 330 -29.40 -0.72 2.78
C ILE A 330 -30.28 -1.84 3.33
N GLY A 331 -31.54 -1.53 3.56
CA GLY A 331 -32.52 -2.52 3.99
C GLY A 331 -33.10 -3.32 2.83
N ARG A 332 -32.49 -3.15 1.66
CA ARG A 332 -32.85 -3.90 0.44
C ARG A 332 -34.25 -3.58 -0.07
N ARG A 333 -34.64 -2.31 0.01
CA ARG A 333 -35.90 -1.85 -0.58
C ARG A 333 -35.68 -0.59 -1.40
N THR A 334 -36.15 -0.60 -2.64
CA THR A 334 -35.96 0.53 -3.54
C THR A 334 -37.29 1.19 -3.93
N LYS A 335 -38.38 0.64 -3.41
CA LYS A 335 -39.71 1.16 -3.73
C LYS A 335 -40.66 1.01 -2.54
N LYS B 8 16.93 -13.38 22.01
CA LYS B 8 17.22 -14.48 21.08
C LYS B 8 16.87 -14.09 19.65
N GLU B 9 16.66 -12.80 19.42
CA GLU B 9 16.32 -12.31 18.09
C GLU B 9 17.47 -12.49 17.11
N ILE B 10 17.17 -12.98 15.92
CA ILE B 10 18.18 -13.24 14.90
C ILE B 10 18.77 -11.94 14.37
N GLY B 11 20.10 -11.91 14.22
CA GLY B 11 20.79 -10.73 13.76
C GLY B 11 20.90 -9.68 14.85
N GLU B 12 21.35 -8.49 14.47
CA GLU B 12 21.53 -7.41 15.44
C GLU B 12 20.93 -6.10 14.94
N GLU B 13 20.75 -5.15 15.85
CA GLU B 13 20.20 -3.85 15.53
C GLU B 13 21.15 -3.05 14.64
N PRO B 14 20.60 -2.17 13.79
CA PRO B 14 21.42 -1.33 12.90
C PRO B 14 22.36 -0.39 13.66
N ASP B 15 23.66 -0.62 13.53
CA ASP B 15 24.65 0.27 14.11
C ASP B 15 25.37 1.02 12.98
N PRO B 16 25.00 2.30 12.79
CA PRO B 16 25.51 3.15 11.71
C PRO B 16 27.04 3.25 11.68
N GLU B 17 27.65 3.53 12.82
CA GLU B 17 29.11 3.68 12.87
C GLU B 17 29.81 2.36 12.60
N LYS B 18 29.24 1.26 13.08
CA LYS B 18 29.78 -0.06 12.82
C LYS B 18 29.66 -0.41 11.34
N LEU B 19 28.57 0.04 10.73
CA LEU B 19 28.32 -0.18 9.31
C LEU B 19 29.31 0.59 8.45
N GLU B 20 29.55 1.84 8.80
CA GLU B 20 30.50 2.69 8.07
C GLU B 20 31.89 2.08 8.06
N ALA B 21 32.31 1.55 9.21
CA ALA B 21 33.62 0.93 9.32
C ALA B 21 33.69 -0.35 8.50
N PHE B 22 32.61 -1.13 8.54
CA PHE B 22 32.55 -2.38 7.80
C PHE B 22 32.64 -2.14 6.30
N LEU B 23 31.86 -1.18 5.80
CA LEU B 23 31.82 -0.89 4.38
C LEU B 23 33.15 -0.35 3.87
N GLU B 24 33.90 0.30 4.75
CA GLU B 24 35.22 0.81 4.37
C GLU B 24 36.25 -0.31 4.38
N GLU B 25 36.24 -1.12 5.44
CA GLU B 25 37.25 -2.16 5.62
C GLU B 25 36.97 -3.42 4.80
N LYS B 26 35.70 -3.67 4.50
CA LYS B 26 35.33 -4.93 3.85
C LYS B 26 34.65 -4.73 2.49
N GLY B 27 34.10 -3.54 2.27
CA GLY B 27 33.48 -3.23 0.99
C GLY B 27 31.97 -3.35 0.98
N GLY B 28 31.32 -2.59 0.10
CA GLY B 28 29.87 -2.62 -0.02
C GLY B 28 29.41 -2.92 -1.43
N ASN B 29 28.10 -2.87 -1.64
CA ASN B 29 27.54 -3.11 -2.97
C ASN B 29 26.51 -2.04 -3.34
N ALA B 30 25.61 -2.40 -4.26
CA ALA B 30 24.66 -1.43 -4.81
C ALA B 30 23.54 -1.06 -3.83
N LEU B 31 23.30 -1.92 -2.85
CA LEU B 31 22.19 -1.71 -1.93
C LEU B 31 22.63 -1.57 -0.47
N SER B 32 23.93 -1.65 -0.22
CA SER B 32 24.45 -1.66 1.14
C SER B 32 24.18 -0.34 1.88
N HIS B 33 24.08 0.76 1.13
CA HIS B 33 23.86 2.07 1.72
C HIS B 33 22.47 2.21 2.32
N LEU B 34 21.53 1.38 1.84
CA LEU B 34 20.16 1.42 2.34
C LEU B 34 20.06 0.90 3.77
N GLY B 35 21.15 0.32 4.26
CA GLY B 35 21.21 -0.12 5.64
C GLY B 35 21.18 1.04 6.61
N PHE B 36 21.49 2.24 6.11
CA PHE B 36 21.48 3.44 6.93
C PHE B 36 20.07 3.99 7.12
N LEU B 37 19.08 3.29 6.54
CA LEU B 37 17.68 3.66 6.76
C LEU B 37 17.25 3.26 8.17
N GLY B 38 17.88 2.22 8.69
CA GLY B 38 17.59 1.75 10.04
C GLY B 38 16.37 0.87 10.13
N ASP B 39 15.86 0.42 8.98
CA ASP B 39 14.65 -0.39 8.95
C ASP B 39 14.94 -1.85 8.61
N LYS B 40 16.22 -2.22 8.65
CA LYS B 40 16.65 -3.59 8.38
C LYS B 40 17.63 -4.07 9.42
N ARG B 41 17.51 -5.33 9.84
CA ARG B 41 18.45 -5.92 10.78
C ARG B 41 19.71 -6.42 10.07
N PHE B 42 20.81 -6.46 10.79
CA PHE B 42 22.09 -6.85 10.20
C PHE B 42 22.55 -8.21 10.67
N PHE B 43 23.18 -8.97 9.78
CA PHE B 43 23.76 -10.26 10.13
C PHE B 43 25.18 -10.37 9.58
N TYR B 44 26.16 -10.10 10.45
CA TYR B 44 27.56 -10.21 10.07
C TYR B 44 28.05 -11.64 10.18
N SER B 45 28.96 -12.03 9.30
CA SER B 45 29.54 -13.37 9.33
C SER B 45 30.43 -13.55 10.55
N SER B 46 30.71 -14.80 10.89
CA SER B 46 31.51 -15.11 12.08
C SER B 46 32.93 -14.56 11.98
N ASP B 47 33.46 -14.50 10.76
CA ASP B 47 34.80 -13.95 10.55
C ASP B 47 34.74 -12.44 10.37
N GLY B 48 33.52 -11.91 10.26
CA GLY B 48 33.31 -10.47 10.17
C GLY B 48 33.67 -9.87 8.83
N ASN B 49 33.66 -10.69 7.77
CA ASN B 49 34.04 -10.21 6.45
C ASN B 49 32.86 -10.00 5.51
N ALA B 50 31.68 -10.45 5.93
CA ALA B 50 30.49 -10.35 5.09
C ALA B 50 29.26 -9.94 5.90
N LEU B 51 28.31 -9.31 5.23
CA LEU B 51 27.10 -8.81 5.89
C LEU B 51 25.83 -9.11 5.10
N ILE B 52 24.82 -9.59 5.79
CA ILE B 52 23.50 -9.76 5.21
C ILE B 52 22.50 -8.81 5.85
N GLN B 53 21.82 -8.01 5.03
CA GLN B 53 20.78 -7.10 5.52
C GLN B 53 19.40 -7.68 5.22
N PHE B 54 18.52 -7.66 6.21
CA PHE B 54 17.22 -8.30 6.07
C PHE B 54 16.16 -7.65 6.94
N ALA B 55 14.90 -7.91 6.60
CA ALA B 55 13.78 -7.45 7.40
C ALA B 55 12.88 -8.63 7.76
N LYS B 56 12.31 -8.59 8.96
CA LYS B 56 11.46 -9.69 9.43
C LYS B 56 9.98 -9.40 9.20
N VAL B 57 9.35 -10.23 8.38
CA VAL B 57 7.92 -10.10 8.12
C VAL B 57 7.17 -11.30 8.70
N GLY B 58 6.85 -11.22 9.99
CA GLY B 58 6.16 -12.29 10.68
C GLY B 58 7.04 -13.51 10.87
N GLN B 59 6.83 -14.53 10.06
CA GLN B 59 7.61 -15.76 10.17
C GLN B 59 8.53 -15.94 8.97
N ARG B 60 8.63 -14.91 8.15
CA ARG B 60 9.51 -14.94 6.98
C ARG B 60 10.55 -13.83 7.02
N LEU B 61 11.77 -14.15 6.59
CA LEU B 61 12.84 -13.17 6.52
C LEU B 61 13.13 -12.82 5.06
N VAL B 62 13.18 -11.52 4.78
CA VAL B 62 13.46 -11.06 3.42
C VAL B 62 14.79 -10.33 3.35
N VAL B 63 15.75 -10.94 2.68
CA VAL B 63 17.09 -10.36 2.53
C VAL B 63 17.14 -9.42 1.34
N LEU B 64 17.78 -8.27 1.53
CA LEU B 64 17.94 -7.30 0.45
C LEU B 64 19.26 -7.50 -0.30
N GLY B 65 19.15 -8.03 -1.52
CA GLY B 65 20.31 -8.21 -2.37
C GLY B 65 21.30 -9.26 -1.88
N ASP B 66 22.40 -9.38 -2.61
CA ASP B 66 23.48 -10.29 -2.22
C ASP B 66 24.22 -9.72 -1.01
N PRO B 67 24.98 -10.56 -0.31
CA PRO B 67 25.75 -10.04 0.84
C PRO B 67 26.75 -8.96 0.44
N SER B 68 27.09 -8.08 1.36
CA SER B 68 28.12 -7.09 1.14
C SER B 68 29.39 -7.49 1.89
N GLY B 69 30.52 -6.93 1.48
CA GLY B 69 31.79 -7.25 2.09
C GLY B 69 32.68 -8.07 1.17
N ARG B 70 33.55 -8.87 1.76
CA ARG B 70 34.47 -9.70 0.99
C ARG B 70 33.75 -10.92 0.40
N GLU B 71 33.85 -11.08 -0.92
CA GLU B 71 33.18 -12.18 -1.61
C GLU B 71 33.71 -13.55 -1.19
N ASP B 72 34.91 -13.59 -0.62
CA ASP B 72 35.49 -14.83 -0.13
C ASP B 72 34.65 -15.43 1.00
N SER B 73 33.93 -14.56 1.71
CA SER B 73 33.14 -14.99 2.87
C SER B 73 31.65 -15.01 2.61
N PHE B 74 31.25 -14.79 1.36
CA PHE B 74 29.83 -14.82 0.99
C PHE B 74 29.17 -16.19 1.22
N PRO B 75 29.84 -17.30 0.82
CA PRO B 75 29.22 -18.59 1.13
C PRO B 75 29.08 -18.83 2.64
N LEU B 76 30.01 -18.27 3.41
CA LEU B 76 29.99 -18.41 4.86
C LEU B 76 28.79 -17.71 5.49
N VAL B 77 28.59 -16.44 5.13
CA VAL B 77 27.54 -15.64 5.75
C VAL B 77 26.15 -16.13 5.36
N ILE B 78 26.03 -16.70 4.16
CA ILE B 78 24.75 -17.22 3.69
C ILE B 78 24.39 -18.50 4.42
N LYS B 79 25.37 -19.39 4.54
CA LYS B 79 25.19 -20.65 5.25
C LYS B 79 24.85 -20.42 6.71
N GLU B 80 25.57 -19.51 7.35
CA GLU B 80 25.35 -19.20 8.76
C GLU B 80 24.00 -18.52 8.98
N PHE B 81 23.58 -17.71 8.01
CA PHE B 81 22.30 -17.01 8.12
C PHE B 81 21.13 -17.97 7.95
N LEU B 82 21.18 -18.75 6.87
CA LEU B 82 20.13 -19.72 6.58
C LEU B 82 19.99 -20.74 7.70
N HIS B 83 21.11 -21.10 8.32
CA HIS B 83 21.12 -22.02 9.43
C HIS B 83 20.47 -21.39 10.66
N ALA B 84 20.72 -20.10 10.85
CA ALA B 84 20.17 -19.37 11.99
C ALA B 84 18.66 -19.23 11.86
N ALA B 85 18.19 -19.00 10.64
CA ALA B 85 16.76 -18.88 10.38
C ALA B 85 16.09 -20.24 10.41
N ASP B 86 16.86 -21.28 10.10
CA ASP B 86 16.35 -22.65 10.11
C ASP B 86 16.01 -23.08 11.53
N GLN B 87 16.85 -22.70 12.48
CA GLN B 87 16.63 -23.02 13.88
C GLN B 87 15.44 -22.25 14.44
N LYS B 88 15.23 -21.04 13.94
CA LYS B 88 14.12 -20.21 14.37
C LYS B 88 12.83 -20.58 13.64
N GLY B 89 12.95 -21.46 12.65
CA GLY B 89 11.81 -21.90 11.88
C GLY B 89 11.34 -20.85 10.90
N TYR B 90 12.24 -19.94 10.54
CA TYR B 90 11.91 -18.87 9.60
C TYR B 90 12.14 -19.29 8.16
N LEU B 91 11.34 -18.75 7.25
CA LEU B 91 11.54 -18.96 5.82
C LEU B 91 12.28 -17.76 5.25
N VAL B 92 13.27 -18.02 4.40
CA VAL B 92 14.13 -16.95 3.88
C VAL B 92 13.88 -16.65 2.41
N ILE B 93 13.70 -15.37 2.11
CA ILE B 93 13.56 -14.90 0.73
C ILE B 93 14.70 -13.94 0.41
N PHE B 94 15.26 -14.06 -0.79
CA PHE B 94 16.30 -13.15 -1.24
C PHE B 94 15.78 -12.24 -2.34
N TYR B 95 15.82 -10.93 -2.09
CA TYR B 95 15.26 -9.96 -3.01
C TYR B 95 16.35 -9.17 -3.75
N GLN B 96 16.21 -9.10 -5.07
CA GLN B 96 17.15 -8.40 -5.95
C GLN B 96 18.58 -8.91 -5.86
N ILE B 97 18.75 -10.19 -6.13
CA ILE B 97 20.10 -10.75 -6.30
C ILE B 97 20.47 -10.67 -7.77
N GLU B 98 21.70 -11.06 -8.09
CA GLU B 98 22.15 -11.05 -9.48
C GLU B 98 22.38 -12.48 -9.97
N ARG B 99 22.41 -12.65 -11.29
CA ARG B 99 22.55 -13.96 -11.90
C ARG B 99 23.90 -14.61 -11.55
N GLU B 100 24.93 -13.77 -11.38
CA GLU B 100 26.26 -14.24 -11.05
C GLU B 100 26.30 -14.95 -9.70
N ASP B 101 25.36 -14.63 -8.83
CA ASP B 101 25.37 -15.17 -7.47
C ASP B 101 24.28 -16.23 -7.25
N MET B 102 23.67 -16.70 -8.34
CA MET B 102 22.67 -17.75 -8.24
C MET B 102 23.25 -19.03 -7.64
N ALA B 103 24.52 -19.28 -7.94
CA ALA B 103 25.20 -20.49 -7.48
C ALA B 103 25.39 -20.50 -5.96
N LEU B 104 25.26 -19.33 -5.34
CA LEU B 104 25.41 -19.22 -3.90
C LEU B 104 24.18 -19.72 -3.16
N TYR B 105 23.05 -19.80 -3.87
CA TYR B 105 21.78 -20.16 -3.25
C TYR B 105 21.20 -21.46 -3.81
N HIS B 106 21.59 -21.80 -5.03
CA HIS B 106 20.99 -22.91 -5.77
C HIS B 106 21.05 -24.24 -5.01
N ASP B 107 22.11 -24.46 -4.24
CA ASP B 107 22.27 -25.70 -3.49
C ASP B 107 21.38 -25.76 -2.27
N PHE B 108 20.76 -24.63 -1.91
CA PHE B 108 19.85 -24.59 -0.77
C PHE B 108 18.41 -24.80 -1.20
N GLY B 109 18.21 -25.07 -2.49
CA GLY B 109 16.89 -25.34 -3.02
C GLY B 109 16.10 -24.08 -3.34
N TYR B 110 16.73 -23.16 -4.06
CA TYR B 110 16.08 -21.89 -4.41
C TYR B 110 15.81 -21.79 -5.90
N ARG B 111 14.62 -21.30 -6.24
CA ARG B 111 14.29 -20.97 -7.62
C ARG B 111 14.51 -19.47 -7.84
N PHE B 112 14.51 -19.05 -9.11
CA PHE B 112 14.79 -17.65 -9.42
C PHE B 112 13.74 -17.07 -10.37
N PHE B 113 13.36 -15.83 -10.12
CA PHE B 113 12.40 -15.12 -10.95
C PHE B 113 12.91 -13.73 -11.29
N LYS B 114 13.08 -13.47 -12.59
CA LYS B 114 13.62 -12.20 -13.05
C LYS B 114 12.64 -11.05 -12.81
N LEU B 115 13.00 -10.17 -11.87
CA LEU B 115 12.16 -9.02 -11.53
C LEU B 115 12.24 -7.93 -12.59
N GLY B 116 13.45 -7.72 -13.11
CA GLY B 116 13.68 -6.70 -14.11
C GLY B 116 15.17 -6.53 -14.39
N GLU B 117 15.53 -5.38 -14.95
CA GLU B 117 16.92 -5.11 -15.28
C GLU B 117 17.33 -3.70 -14.89
N GLU B 118 18.52 -3.56 -14.32
CA GLU B 118 19.06 -2.24 -13.99
C GLU B 118 19.75 -1.65 -15.22
N ALA B 119 19.52 -0.36 -15.44
CA ALA B 119 20.12 0.33 -16.58
C ALA B 119 21.46 0.93 -16.21
N ILE B 120 22.54 0.33 -16.71
CA ILE B 120 23.88 0.80 -16.40
C ILE B 120 24.46 1.62 -17.55
N VAL B 121 24.75 2.90 -17.26
CA VAL B 121 25.25 3.81 -18.28
C VAL B 121 26.76 4.01 -18.18
N ASP B 122 27.47 3.76 -19.27
CA ASP B 122 28.91 3.97 -19.33
C ASP B 122 29.22 5.46 -19.35
N LEU B 123 29.81 5.96 -18.26
CA LEU B 123 30.12 7.38 -18.15
C LEU B 123 31.33 7.77 -18.99
N ASP B 124 32.18 6.80 -19.31
CA ASP B 124 33.38 7.07 -20.11
C ASP B 124 33.05 7.27 -21.59
N THR B 125 31.84 6.87 -21.99
CA THR B 125 31.47 6.95 -23.41
C THR B 125 30.19 7.74 -23.65
N PHE B 126 29.49 8.10 -22.57
CA PHE B 126 28.23 8.84 -22.70
C PHE B 126 28.47 10.26 -23.20
N THR B 127 27.64 10.68 -24.14
CA THR B 127 27.69 12.04 -24.68
C THR B 127 26.32 12.46 -25.17
N ILE B 128 26.04 13.77 -25.14
CA ILE B 128 24.76 14.29 -25.59
C ILE B 128 24.86 14.86 -27.00
N SER B 129 26.04 14.74 -27.60
CA SER B 129 26.25 15.20 -28.97
C SER B 129 25.82 14.13 -29.97
N GLY B 130 25.66 14.52 -31.23
CA GLY B 130 25.21 13.60 -32.26
C GLY B 130 23.71 13.73 -32.51
N LYS B 131 23.28 13.37 -33.71
CA LYS B 131 21.87 13.48 -34.08
C LYS B 131 20.99 12.54 -33.28
N LYS B 132 21.58 11.45 -32.80
CA LYS B 132 20.86 10.47 -32.00
C LYS B 132 20.53 11.01 -30.62
N ARG B 133 21.37 11.90 -30.12
CA ARG B 133 21.19 12.51 -28.81
C ARG B 133 20.67 13.94 -28.94
N ALA B 134 19.85 14.18 -29.95
CA ALA B 134 19.31 15.52 -30.19
C ALA B 134 18.30 15.91 -29.13
N GLY B 135 17.49 14.95 -28.70
CA GLY B 135 16.46 15.19 -27.71
C GLY B 135 17.04 15.55 -26.36
N LEU B 136 18.09 14.83 -25.95
CA LEU B 136 18.75 15.08 -24.68
C LEU B 136 19.50 16.41 -24.69
N ARG B 137 20.13 16.71 -25.82
CA ARG B 137 20.88 17.96 -25.96
C ARG B 137 19.95 19.16 -25.88
N ALA B 138 18.75 19.01 -26.44
CA ALA B 138 17.76 20.08 -26.42
C ALA B 138 17.28 20.37 -25.01
N ILE B 139 17.15 19.32 -24.20
CA ILE B 139 16.74 19.46 -22.81
C ILE B 139 17.85 20.10 -21.98
N TYR B 140 19.08 19.63 -22.20
CA TYR B 140 20.24 20.16 -21.49
C TYR B 140 20.46 21.63 -21.79
N ASN B 141 20.39 21.98 -23.08
CA ASN B 141 20.57 23.37 -23.50
C ASN B 141 19.48 24.28 -22.96
N ARG B 142 18.28 23.72 -22.78
CA ARG B 142 17.16 24.48 -22.26
C ARG B 142 17.35 24.85 -20.79
N PHE B 143 17.78 23.88 -20.00
CA PHE B 143 18.00 24.11 -18.57
C PHE B 143 19.17 25.06 -18.33
N GLU B 144 20.20 24.96 -19.17
CA GLU B 144 21.33 25.88 -19.10
C GLU B 144 20.89 27.29 -19.47
N ARG B 145 20.04 27.38 -20.49
CA ARG B 145 19.54 28.65 -20.98
C ARG B 145 18.68 29.36 -19.94
N GLU B 146 17.90 28.60 -19.19
CA GLU B 146 17.03 29.16 -18.17
C GLU B 146 17.78 29.48 -16.88
N GLY B 147 19.09 29.21 -16.90
CA GLY B 147 19.95 29.59 -15.79
C GLY B 147 19.96 28.63 -14.61
N TYR B 148 19.62 27.37 -14.85
CA TYR B 148 19.64 26.37 -13.80
C TYR B 148 21.07 25.88 -13.54
N THR B 149 21.40 25.65 -12.28
CA THR B 149 22.73 25.22 -11.90
C THR B 149 22.70 23.92 -11.09
N PHE B 150 23.71 23.09 -11.26
CA PHE B 150 23.78 21.79 -10.59
C PHE B 150 24.91 21.77 -9.57
N HIS B 151 24.59 21.40 -8.34
CA HIS B 151 25.58 21.38 -7.26
C HIS B 151 25.48 20.11 -6.43
N VAL B 152 26.61 19.67 -5.88
CA VAL B 152 26.66 18.54 -4.97
C VAL B 152 27.19 18.99 -3.62
N GLU B 153 26.43 18.77 -2.57
CA GLU B 153 26.81 19.19 -1.23
C GLU B 153 27.21 18.01 -0.35
N GLN B 154 28.05 18.28 0.65
CA GLN B 154 28.54 17.24 1.55
C GLN B 154 28.00 17.44 2.96
N PRO B 155 27.76 16.33 3.68
CA PRO B 155 27.36 16.39 5.09
C PRO B 155 28.49 16.95 5.96
N PRO B 156 28.16 17.49 7.14
CA PRO B 156 26.81 17.59 7.73
C PRO B 156 25.99 18.73 7.13
N PHE B 157 24.70 18.46 6.91
CA PHE B 157 23.82 19.47 6.33
C PHE B 157 23.13 20.27 7.42
N SER B 158 22.96 21.57 7.16
CA SER B 158 22.32 22.46 8.12
C SER B 158 20.81 22.25 8.16
N ARG B 159 20.16 22.83 9.16
CA ARG B 159 18.71 22.79 9.25
C ARG B 159 18.07 23.42 8.03
N GLU B 160 18.57 24.60 7.66
CA GLU B 160 18.06 25.36 6.54
C GLU B 160 18.06 24.55 5.24
N PHE B 161 19.17 23.85 4.99
CA PHE B 161 19.30 23.04 3.79
C PHE B 161 18.36 21.84 3.83
N LEU B 162 18.31 21.17 4.98
CA LEU B 162 17.46 20.00 5.13
C LEU B 162 15.98 20.36 5.02
N ASN B 163 15.61 21.53 5.56
N ASN B 163 15.61 21.51 5.58
CA ASN B 163 14.23 21.99 5.50
CA ASN B 163 14.24 21.98 5.48
C ASN B 163 13.80 22.31 4.07
C ASN B 163 13.83 22.24 4.04
N GLU B 164 14.74 22.83 3.27
CA GLU B 164 14.48 23.12 1.86
C GLU B 164 14.26 21.83 1.07
N LEU B 165 15.01 20.80 1.42
CA LEU B 165 14.86 19.50 0.78
C LEU B 165 13.54 18.86 1.15
N ARG B 166 13.11 19.09 2.40
CA ARG B 166 11.88 18.48 2.89
C ARG B 166 10.66 19.02 2.17
N GLN B 167 10.66 20.32 1.89
CA GLN B 167 9.54 20.95 1.20
C GLN B 167 9.45 20.46 -0.23
N VAL B 168 10.61 20.28 -0.87
CA VAL B 168 10.68 19.71 -2.20
C VAL B 168 10.17 18.26 -2.17
N SER B 169 10.60 17.54 -1.15
CA SER B 169 10.22 16.14 -0.98
C SER B 169 8.71 15.99 -0.74
N ASP B 170 8.18 16.79 0.16
CA ASP B 170 6.75 16.76 0.47
C ASP B 170 5.91 17.13 -0.76
N GLU B 171 6.39 18.11 -1.50
CA GLU B 171 5.72 18.56 -2.71
C GLU B 171 5.74 17.47 -3.78
N TRP B 172 6.85 16.75 -3.84
CA TRP B 172 7.00 15.65 -4.78
C TRP B 172 6.10 14.48 -4.41
N LEU B 173 6.05 14.17 -3.12
CA LEU B 173 5.21 13.09 -2.63
C LEU B 173 3.73 13.37 -2.85
N GLY B 174 3.29 14.56 -2.46
CA GLY B 174 1.89 14.93 -2.55
C GLY B 174 1.05 14.05 -1.66
N ARG B 175 0.15 13.29 -2.27
CA ARG B 175 -0.74 12.39 -1.54
C ARG B 175 -0.06 11.05 -1.26
N LYS B 176 0.93 10.71 -2.08
CA LYS B 176 1.64 9.44 -1.97
C LYS B 176 2.38 9.33 -0.64
N LYS B 177 2.50 8.09 -0.15
CA LYS B 177 3.21 7.83 1.10
C LYS B 177 4.57 7.19 0.84
N GLU B 178 5.45 7.28 1.82
CA GLU B 178 6.81 6.77 1.67
C GLU B 178 6.88 5.25 1.72
N LYS B 179 7.78 4.67 0.91
CA LYS B 179 8.07 3.25 0.97
C LYS B 179 9.36 3.03 1.73
N GLY B 180 9.80 1.77 1.81
CA GLY B 180 11.01 1.46 2.54
C GLY B 180 11.68 0.18 2.08
N PHE B 181 12.51 -0.39 2.96
CA PHE B 181 13.25 -1.63 2.70
C PHE B 181 14.21 -1.49 1.52
N SER B 182 13.68 -1.66 0.30
CA SER B 182 14.51 -1.60 -0.89
C SER B 182 14.53 -0.19 -1.49
N LEU B 183 13.75 0.70 -0.91
CA LEU B 183 13.67 2.09 -1.37
C LEU B 183 13.89 3.04 -0.21
N GLY B 184 14.58 4.14 -0.49
CA GLY B 184 14.84 5.14 0.54
C GLY B 184 13.66 6.07 0.74
N PHE B 185 13.65 6.75 1.89
CA PHE B 185 12.62 7.72 2.20
C PHE B 185 13.25 8.91 2.92
N PHE B 186 12.52 10.01 3.01
CA PHE B 186 13.09 11.21 3.62
C PHE B 186 13.29 11.03 5.12
N GLN B 187 14.54 11.05 5.53
CA GLN B 187 14.92 10.95 6.94
C GLN B 187 16.26 11.63 7.13
N GLU B 188 16.35 12.51 8.12
CA GLU B 188 17.56 13.33 8.32
C GLU B 188 18.80 12.50 8.58
N ASP B 189 18.71 11.55 9.51
N ASP B 189 18.70 11.56 9.51
CA ASP B 189 19.85 10.71 9.85
CA ASP B 189 19.81 10.69 9.86
C ASP B 189 20.36 9.92 8.64
C ASP B 189 20.35 9.93 8.64
N TYR B 190 19.45 9.52 7.77
CA TYR B 190 19.82 8.80 6.55
C TYR B 190 20.50 9.72 5.54
N LEU B 191 19.96 10.92 5.38
CA LEU B 191 20.46 11.87 4.39
C LEU B 191 21.81 12.46 4.76
N GLN B 192 22.16 12.38 6.05
CA GLN B 192 23.46 12.88 6.51
C GLN B 192 24.58 11.88 6.22
N LYS B 193 24.24 10.75 5.63
CA LYS B 193 25.20 9.67 5.41
C LYS B 193 25.80 9.69 4.01
N ALA B 194 25.44 10.68 3.20
CA ALA B 194 25.90 10.71 1.82
C ALA B 194 25.80 12.11 1.20
N PRO B 195 26.61 12.38 0.17
CA PRO B 195 26.50 13.63 -0.60
C PRO B 195 25.10 13.82 -1.18
N ILE B 196 24.67 15.07 -1.31
CA ILE B 196 23.37 15.37 -1.88
C ILE B 196 23.49 16.36 -3.04
N ALA B 197 23.09 15.91 -4.22
CA ALA B 197 23.10 16.77 -5.40
C ALA B 197 21.80 17.57 -5.46
N VAL B 198 21.90 18.85 -5.82
CA VAL B 198 20.73 19.69 -5.95
C VAL B 198 20.74 20.49 -7.25
N LEU B 199 19.56 20.84 -7.73
CA LEU B 199 19.43 21.70 -8.90
C LEU B 199 18.77 23.00 -8.49
N LYS B 200 19.49 24.10 -8.62
CA LYS B 200 18.97 25.41 -8.22
C LYS B 200 18.57 26.25 -9.42
N SER B 201 17.56 27.10 -9.22
CA SER B 201 17.14 28.04 -10.25
C SER B 201 18.07 29.25 -10.27
N GLU B 202 17.79 30.20 -11.15
CA GLU B 202 18.60 31.42 -11.24
C GLU B 202 18.45 32.26 -9.97
N GLU B 203 17.32 32.08 -9.29
CA GLU B 203 17.05 32.81 -8.06
C GLU B 203 17.74 32.17 -6.86
N GLY B 204 18.23 30.95 -7.07
CA GLY B 204 18.93 30.22 -6.02
C GLY B 204 18.07 29.25 -5.26
N GLU B 205 16.84 29.07 -5.73
CA GLU B 205 15.91 28.14 -5.08
C GLU B 205 16.12 26.71 -5.56
N ILE B 206 16.22 25.78 -4.61
CA ILE B 206 16.38 24.37 -4.95
C ILE B 206 15.05 23.79 -5.42
N VAL B 207 15.05 23.23 -6.62
CA VAL B 207 13.85 22.67 -7.21
C VAL B 207 13.92 21.16 -7.34
N ALA B 208 15.08 20.59 -7.04
CA ALA B 208 15.28 19.15 -7.12
C ALA B 208 16.49 18.71 -6.31
N PHE B 209 16.46 17.48 -5.79
CA PHE B 209 17.61 16.94 -5.09
C PHE B 209 17.74 15.43 -5.24
N MET B 210 18.98 14.95 -5.12
CA MET B 210 19.28 13.53 -5.18
C MET B 210 20.37 13.20 -4.16
N ASN B 211 20.23 12.07 -3.48
CA ASN B 211 21.30 11.60 -2.61
C ASN B 211 22.18 10.59 -3.35
N ILE B 212 23.48 10.83 -3.34
CA ILE B 212 24.41 10.01 -4.12
C ILE B 212 24.84 8.76 -3.36
N MET B 213 24.66 7.61 -4.00
CA MET B 213 25.12 6.35 -3.43
C MET B 213 26.64 6.24 -3.55
N PRO B 214 27.30 5.78 -2.48
CA PRO B 214 28.76 5.63 -2.47
C PRO B 214 29.23 4.66 -3.54
N MET B 215 30.45 4.87 -4.02
CA MET B 215 31.03 4.07 -5.10
C MET B 215 31.11 2.59 -4.76
N TYR B 216 30.71 1.75 -5.72
CA TYR B 216 30.81 0.30 -5.58
C TYR B 216 31.23 -0.29 -6.92
N ARG B 217 31.51 -1.60 -6.92
CA ARG B 217 31.96 -2.30 -8.12
C ARG B 217 33.16 -1.62 -8.78
N GLU B 218 33.11 -1.55 -10.11
CA GLU B 218 34.17 -0.91 -10.89
C GLU B 218 33.93 0.59 -11.01
N GLY B 219 34.00 1.29 -9.87
CA GLY B 219 33.80 2.72 -9.85
C GLY B 219 32.41 3.12 -10.30
N GLU B 220 31.42 2.36 -9.85
CA GLU B 220 30.02 2.60 -10.21
C GLU B 220 29.29 3.32 -9.10
N ILE B 221 28.48 4.32 -9.48
CA ILE B 221 27.64 5.02 -8.52
C ILE B 221 26.17 4.97 -8.94
N SER B 222 25.32 5.52 -8.08
CA SER B 222 23.89 5.60 -8.35
C SER B 222 23.25 6.59 -7.40
N ILE B 223 21.93 6.71 -7.48
CA ILE B 223 21.19 7.54 -6.55
C ILE B 223 20.06 6.73 -5.92
N ASP B 224 19.47 7.30 -4.87
CA ASP B 224 18.35 6.67 -4.19
C ASP B 224 17.10 7.51 -4.37
N LEU B 225 17.06 8.65 -3.68
CA LEU B 225 15.97 9.60 -3.83
C LEU B 225 16.23 10.53 -5.02
N MET B 226 15.18 10.77 -5.80
CA MET B 226 15.19 11.82 -6.80
C MET B 226 13.84 12.51 -6.79
N ARG B 227 13.78 13.68 -6.16
CA ARG B 227 12.52 14.37 -5.96
C ARG B 227 12.63 15.81 -6.42
N TYR B 228 11.53 16.35 -6.93
CA TYR B 228 11.51 17.71 -7.46
C TYR B 228 10.17 18.41 -7.19
N SER B 229 10.21 19.73 -7.10
CA SER B 229 9.01 20.52 -6.83
C SER B 229 8.26 20.81 -8.12
N LYS B 230 7.11 21.49 -7.98
CA LYS B 230 6.27 21.81 -9.14
C LYS B 230 6.87 22.91 -10.01
N LYS B 231 7.85 23.62 -9.46
CA LYS B 231 8.52 24.69 -10.19
C LYS B 231 9.50 24.14 -11.21
N ALA B 232 9.86 22.87 -11.07
CA ALA B 232 10.77 22.21 -12.00
C ALA B 232 10.14 22.07 -13.37
N PRO B 233 10.85 22.52 -14.41
CA PRO B 233 10.36 22.50 -15.80
C PRO B 233 10.18 21.08 -16.34
N LYS B 234 9.53 20.97 -17.50
CA LYS B 234 9.33 19.68 -18.14
C LYS B 234 10.66 19.07 -18.56
N GLY B 235 10.79 17.76 -18.40
CA GLY B 235 12.03 17.07 -18.71
C GLY B 235 13.04 17.18 -17.59
N ILE B 236 12.55 17.42 -16.38
CA ILE B 236 13.42 17.59 -15.22
C ILE B 236 14.24 16.34 -14.91
N MET B 237 13.62 15.16 -15.02
CA MET B 237 14.30 13.91 -14.73
C MET B 237 15.43 13.66 -15.72
N ASP B 238 15.17 13.95 -17.00
CA ASP B 238 16.21 13.82 -18.02
C ASP B 238 17.35 14.79 -17.74
N ALA B 239 17.00 16.01 -17.35
CA ALA B 239 17.98 17.04 -17.04
C ALA B 239 18.88 16.60 -15.90
N LEU B 240 18.28 16.01 -14.87
CA LEU B 240 19.01 15.59 -13.68
C LEU B 240 20.04 14.50 -13.99
N PHE B 241 19.66 13.53 -14.80
CA PHE B 241 20.57 12.44 -15.16
C PHE B 241 21.73 12.95 -16.00
N ILE B 242 21.46 13.91 -16.88
CA ILE B 242 22.51 14.50 -17.70
C ILE B 242 23.54 15.22 -16.82
N TYR B 243 23.05 16.00 -15.86
CA TYR B 243 23.93 16.69 -14.93
C TYR B 243 24.68 15.70 -14.05
N LEU B 244 24.00 14.63 -13.65
CA LEU B 244 24.61 13.59 -12.82
C LEU B 244 25.71 12.86 -13.57
N PHE B 245 25.50 12.63 -14.86
CA PHE B 245 26.48 11.92 -15.67
C PHE B 245 27.71 12.79 -15.91
N GLN B 246 27.48 14.08 -16.12
CA GLN B 246 28.56 15.03 -16.32
C GLN B 246 29.41 15.11 -15.06
N TRP B 247 28.75 15.29 -13.92
CA TRP B 247 29.43 15.35 -12.63
C TRP B 247 30.16 14.04 -12.33
N GLY B 248 29.49 12.93 -12.63
CA GLY B 248 30.06 11.62 -12.40
C GLY B 248 31.36 11.42 -13.13
N LYS B 249 31.39 11.82 -14.40
CA LYS B 249 32.59 11.73 -15.22
C LYS B 249 33.72 12.57 -14.65
N GLU B 250 33.38 13.77 -14.17
CA GLU B 250 34.35 14.67 -13.56
C GLU B 250 35.02 14.03 -12.34
N GLN B 251 34.26 13.22 -11.61
CA GLN B 251 34.78 12.57 -10.41
C GLN B 251 35.52 11.28 -10.74
N GLY B 252 35.50 10.89 -12.01
CA GLY B 252 36.25 9.74 -12.46
C GLY B 252 35.51 8.42 -12.41
N TYR B 253 34.20 8.47 -12.16
CA TYR B 253 33.40 7.25 -12.11
C TYR B 253 33.23 6.66 -13.50
N THR B 254 33.14 5.34 -13.58
CA THR B 254 33.11 4.65 -14.87
C THR B 254 31.68 4.33 -15.34
N ALA B 255 30.77 4.20 -14.40
CA ALA B 255 29.40 3.80 -14.74
C ALA B 255 28.37 4.35 -13.75
N PHE B 256 27.15 4.57 -14.24
CA PHE B 256 26.06 5.04 -13.39
C PHE B 256 24.87 4.08 -13.47
N ASN B 257 24.42 3.62 -12.30
CA ASN B 257 23.23 2.78 -12.22
C ASN B 257 21.98 3.64 -12.18
N MET B 258 21.14 3.54 -13.20
CA MET B 258 19.92 4.34 -13.27
C MET B 258 18.76 3.70 -12.52
N GLY B 259 18.99 2.50 -11.99
CA GLY B 259 17.95 1.80 -11.26
C GLY B 259 17.29 0.71 -12.07
N MET B 260 16.51 -0.12 -11.40
CA MET B 260 15.88 -1.27 -12.04
C MET B 260 14.71 -0.86 -12.93
N ALA B 261 14.72 -1.36 -14.16
CA ALA B 261 13.65 -1.07 -15.12
C ALA B 261 12.88 -2.35 -15.45
N PRO B 262 11.58 -2.22 -15.78
CA PRO B 262 10.77 -3.38 -16.15
C PRO B 262 11.31 -4.10 -17.39
N LEU B 263 11.14 -5.42 -17.42
CA LEU B 263 11.57 -6.21 -18.58
C LEU B 263 10.80 -5.81 -19.82
N SER B 264 11.45 -5.89 -20.98
CA SER B 264 10.79 -5.61 -22.25
C SER B 264 9.69 -6.63 -22.48
N ASN B 265 8.44 -6.21 -22.34
CA ASN B 265 7.30 -7.10 -22.45
C ASN B 265 7.14 -7.71 -23.84
N VAL B 266 8.15 -8.46 -24.27
CA VAL B 266 8.12 -9.17 -25.56
C VAL B 266 9.16 -10.28 -25.57
N GLY B 267 8.69 -11.51 -25.71
CA GLY B 267 9.57 -12.67 -25.72
C GLY B 267 9.51 -13.44 -24.41
N LEU B 278 0.98 -14.19 -13.57
CA LEU B 278 -0.16 -13.27 -13.50
C LEU B 278 0.07 -12.17 -12.47
N ALA B 279 1.23 -11.53 -12.53
CA ALA B 279 1.55 -10.42 -11.65
C ALA B 279 1.03 -9.11 -12.23
N ALA B 280 0.02 -8.55 -11.58
CA ALA B 280 -0.67 -7.36 -12.08
C ALA B 280 0.21 -6.12 -12.11
N VAL B 281 -0.24 -5.10 -12.81
CA VAL B 281 0.47 -3.83 -12.92
C VAL B 281 0.53 -3.10 -11.58
N ILE B 282 -0.54 -3.22 -10.80
CA ILE B 282 -0.61 -2.59 -9.48
C ILE B 282 0.50 -3.08 -8.57
N PHE B 283 0.78 -4.39 -8.64
CA PHE B 283 1.83 -4.98 -7.82
C PHE B 283 3.21 -4.65 -8.37
N ASN B 284 3.30 -4.45 -9.68
CA ASN B 284 4.57 -4.12 -10.32
C ASN B 284 4.95 -2.66 -10.10
N ASN B 285 3.95 -1.82 -9.88
CA ASN B 285 4.17 -0.39 -9.71
C ASN B 285 4.95 -0.05 -8.45
N VAL B 286 4.81 -0.89 -7.42
CA VAL B 286 5.45 -0.64 -6.14
C VAL B 286 6.92 -1.05 -6.15
N SER B 287 7.32 -1.79 -7.18
CA SER B 287 8.68 -2.29 -7.27
C SER B 287 9.61 -1.27 -7.91
N TYR B 288 9.14 -0.61 -8.95
CA TYR B 288 9.95 0.37 -9.67
C TYR B 288 9.69 1.78 -9.18
N MET B 289 8.63 1.95 -8.39
CA MET B 289 8.26 3.22 -7.79
C MET B 289 8.08 4.32 -8.84
N PHE B 292 5.13 4.76 -14.00
CA PHE B 292 4.41 5.20 -15.19
C PHE B 292 4.20 4.05 -16.17
N SER B 293 3.96 4.40 -17.43
CA SER B 293 3.71 3.41 -18.47
C SER B 293 5.01 2.76 -18.94
N GLY B 294 5.89 3.55 -19.53
CA GLY B 294 7.14 3.02 -20.06
C GLY B 294 8.37 3.55 -19.33
N LEU B 295 8.74 2.88 -18.25
CA LEU B 295 9.93 3.25 -17.50
C LEU B 295 11.19 2.77 -18.20
N ARG B 296 11.04 1.71 -18.99
CA ARG B 296 12.17 1.12 -19.71
C ARG B 296 12.63 2.03 -20.85
N SER B 297 11.66 2.57 -21.59
CA SER B 297 11.96 3.44 -22.72
C SER B 297 12.65 4.72 -22.27
N PHE B 298 12.35 5.15 -21.05
CA PHE B 298 12.99 6.32 -20.47
C PHE B 298 14.49 6.10 -20.33
N LYS B 299 14.85 4.99 -19.68
CA LYS B 299 16.25 4.67 -19.45
C LYS B 299 16.93 4.21 -20.73
N GLU B 300 16.14 3.74 -21.69
CA GLU B 300 16.66 3.22 -22.95
C GLU B 300 17.30 4.32 -23.80
N LYS B 301 16.87 5.55 -23.60
CA LYS B 301 17.38 6.69 -24.37
C LYS B 301 18.88 6.85 -24.18
N TYR B 302 19.37 6.43 -23.02
CA TYR B 302 20.77 6.61 -22.66
C TYR B 302 21.61 5.43 -23.13
N LYS B 303 20.96 4.49 -23.81
CA LYS B 303 21.61 3.29 -24.35
C LYS B 303 22.48 2.57 -23.31
N PRO B 304 21.84 1.99 -22.28
CA PRO B 304 22.58 1.37 -21.19
C PRO B 304 22.78 -0.13 -21.37
N VAL B 305 23.68 -0.70 -20.58
CA VAL B 305 23.81 -2.15 -20.48
C VAL B 305 22.86 -2.65 -19.40
N TRP B 306 22.01 -3.61 -19.74
CA TRP B 306 21.02 -4.11 -18.79
C TRP B 306 21.59 -5.18 -17.87
N ARG B 307 21.25 -5.09 -16.59
CA ARG B 307 21.73 -6.04 -15.59
C ARG B 307 20.56 -6.61 -14.80
N GLY B 308 20.32 -7.90 -14.96
CA GLY B 308 19.15 -8.55 -14.38
C GLY B 308 19.14 -8.61 -12.86
N LYS B 309 17.96 -8.43 -12.29
CA LYS B 309 17.75 -8.61 -10.86
C LYS B 309 16.73 -9.72 -10.65
N TYR B 310 16.92 -10.52 -9.61
CA TYR B 310 16.12 -11.73 -9.44
C TYR B 310 15.57 -11.91 -8.03
N LEU B 311 14.46 -12.63 -7.94
CA LEU B 311 13.87 -12.99 -6.66
C LEU B 311 14.15 -14.45 -6.36
N ALA B 312 14.85 -14.71 -5.26
CA ALA B 312 15.18 -16.07 -4.87
C ALA B 312 14.21 -16.60 -3.82
N TYR B 313 13.53 -17.69 -4.14
CA TYR B 313 12.56 -18.30 -3.25
C TYR B 313 12.70 -19.82 -3.26
N ARG B 314 12.34 -20.46 -2.16
CA ARG B 314 12.47 -21.92 -2.04
C ARG B 314 11.62 -22.64 -3.08
N LYS B 315 12.07 -23.83 -3.45
CA LYS B 315 11.49 -24.59 -4.56
C LYS B 315 10.00 -24.87 -4.44
N ASN B 316 9.56 -25.31 -3.26
CA ASN B 316 8.18 -25.73 -3.09
C ASN B 316 7.26 -24.63 -2.54
N ARG B 317 7.77 -23.40 -2.50
CA ARG B 317 6.96 -22.28 -2.04
C ARG B 317 6.28 -21.58 -3.22
N SER B 318 5.23 -20.83 -2.93
CA SER B 318 4.48 -20.14 -3.98
C SER B 318 5.18 -18.85 -4.40
N LEU B 319 5.22 -18.61 -5.71
CA LEU B 319 5.82 -17.39 -6.25
C LEU B 319 4.91 -16.16 -6.09
N PRO B 320 3.59 -16.30 -6.36
CA PRO B 320 2.74 -15.14 -6.08
C PRO B 320 2.75 -14.73 -4.61
N VAL B 321 2.64 -15.70 -3.71
CA VAL B 321 2.65 -15.44 -2.27
C VAL B 321 3.94 -14.73 -1.87
N THR B 322 5.06 -15.19 -2.41
CA THR B 322 6.35 -14.57 -2.17
C THR B 322 6.36 -13.14 -2.68
N MET B 323 5.80 -12.94 -3.88
CA MET B 323 5.77 -11.63 -4.51
C MET B 323 4.88 -10.66 -3.73
N ILE B 324 3.75 -11.15 -3.25
CA ILE B 324 2.81 -10.33 -2.48
C ILE B 324 3.41 -9.88 -1.16
N LEU B 325 4.08 -10.80 -0.47
CA LEU B 325 4.67 -10.52 0.83
C LEU B 325 5.82 -9.51 0.71
N VAL B 326 6.65 -9.66 -0.31
CA VAL B 326 7.74 -8.72 -0.56
C VAL B 326 7.17 -7.34 -0.90
N THR B 327 6.15 -7.32 -1.74
CA THR B 327 5.43 -6.11 -2.08
C THR B 327 4.92 -5.41 -0.83
N ARG B 328 4.31 -6.18 0.06
CA ARG B 328 3.76 -5.67 1.31
C ARG B 328 4.86 -5.07 2.19
N LEU B 329 6.04 -5.68 2.16
CA LEU B 329 7.17 -5.20 2.95
C LEU B 329 7.69 -3.86 2.43
N ILE B 330 7.82 -3.74 1.11
CA ILE B 330 8.29 -2.51 0.49
C ILE B 330 7.27 -1.39 0.70
N GLY B 331 5.99 -1.75 0.68
CA GLY B 331 4.92 -0.79 0.89
C GLY B 331 4.75 -0.40 2.35
N ARG B 332 5.29 -1.21 3.25
CA ARG B 332 5.23 -0.91 4.68
C ARG B 332 5.98 0.38 4.99
N ARG B 333 5.52 1.11 6.00
CA ARG B 333 6.16 2.36 6.40
C ARG B 333 6.58 2.32 7.86
N LYN C . -22.17 -8.81 9.88
CA LYN C . -23.05 -8.30 8.85
CB LYN C . -24.37 -7.88 9.47
CG LYN C . -25.32 -7.26 8.45
CD LYN C . -26.78 -7.51 8.84
CE LYN C . -27.13 -6.88 10.17
NZ LYN C . -28.55 -7.18 10.52
C LYN C . -22.40 -7.14 8.16
O LYN C . -21.82 -6.30 8.82
NT LYN C . -22.47 -7.04 6.83
C TRS D . -10.89 13.65 8.66
C1 TRS D . -10.93 13.59 10.18
C2 TRS D . -10.52 12.28 8.08
C3 TRS D . -12.24 14.11 8.12
N TRS D . -9.86 14.61 8.26
O1 TRS D . -12.07 12.86 10.60
O2 TRS D . -10.23 12.43 6.70
O3 TRS D . -12.27 13.95 6.72
C TRS E . 22.28 -10.31 -17.24
C1 TRS E . 21.44 -11.06 -16.21
C2 TRS E . 23.50 -11.13 -17.62
C3 TRS E . 21.44 -9.99 -18.48
N TRS E . 22.73 -9.05 -16.65
O1 TRS E . 20.93 -12.23 -16.80
O2 TRS E . 24.26 -11.41 -16.47
O3 TRS E . 20.30 -9.27 -18.10
#